data_6SHK
# 
_entry.id   6SHK 
# 
_audit_conform.dict_name       mmcif_pdbx.dic 
_audit_conform.dict_version    5.392 
_audit_conform.dict_location   http://mmcif.pdb.org/dictionaries/ascii/mmcif_pdbx.dic 
# 
loop_
_database_2.database_id 
_database_2.database_code 
_database_2.pdbx_database_accession 
_database_2.pdbx_DOI 
PDB   6SHK         pdb_00006shk 10.2210/pdb6shk/pdb 
WWPDB D_1292103754 ?            ?                   
# 
loop_
_pdbx_audit_revision_history.ordinal 
_pdbx_audit_revision_history.data_content_type 
_pdbx_audit_revision_history.major_revision 
_pdbx_audit_revision_history.minor_revision 
_pdbx_audit_revision_history.revision_date 
1 'Structure model' 1 0 2019-09-25 
2 'Structure model' 1 1 2024-05-15 
# 
_pdbx_audit_revision_details.ordinal             1 
_pdbx_audit_revision_details.revision_ordinal    1 
_pdbx_audit_revision_details.data_content_type   'Structure model' 
_pdbx_audit_revision_details.provider            repository 
_pdbx_audit_revision_details.type                'Initial release' 
_pdbx_audit_revision_details.description         ? 
_pdbx_audit_revision_details.details             ? 
# 
loop_
_pdbx_audit_revision_group.ordinal 
_pdbx_audit_revision_group.revision_ordinal 
_pdbx_audit_revision_group.data_content_type 
_pdbx_audit_revision_group.group 
1 2 'Structure model' 'Data collection'      
2 2 'Structure model' 'Database references'  
3 2 'Structure model' 'Derived calculations' 
# 
loop_
_pdbx_audit_revision_category.ordinal 
_pdbx_audit_revision_category.revision_ordinal 
_pdbx_audit_revision_category.data_content_type 
_pdbx_audit_revision_category.category 
1 2 'Structure model' chem_comp_atom         
2 2 'Structure model' chem_comp_bond         
3 2 'Structure model' database_2             
4 2 'Structure model' pdbx_struct_conn_angle 
5 2 'Structure model' struct_conn            
# 
loop_
_pdbx_audit_revision_item.ordinal 
_pdbx_audit_revision_item.revision_ordinal 
_pdbx_audit_revision_item.data_content_type 
_pdbx_audit_revision_item.item 
1  2 'Structure model' '_database_2.pdbx_DOI'                        
2  2 'Structure model' '_database_2.pdbx_database_accession'         
3  2 'Structure model' '_pdbx_struct_conn_angle.ptnr1_auth_comp_id'  
4  2 'Structure model' '_pdbx_struct_conn_angle.ptnr1_auth_seq_id'   
5  2 'Structure model' '_pdbx_struct_conn_angle.ptnr1_label_atom_id' 
6  2 'Structure model' '_pdbx_struct_conn_angle.ptnr1_label_comp_id' 
7  2 'Structure model' '_pdbx_struct_conn_angle.ptnr1_label_seq_id'  
8  2 'Structure model' '_pdbx_struct_conn_angle.ptnr2_symmetry'      
9  2 'Structure model' '_pdbx_struct_conn_angle.ptnr3_auth_comp_id'  
10 2 'Structure model' '_pdbx_struct_conn_angle.ptnr3_auth_seq_id'   
11 2 'Structure model' '_pdbx_struct_conn_angle.ptnr3_label_atom_id' 
12 2 'Structure model' '_pdbx_struct_conn_angle.ptnr3_label_comp_id' 
13 2 'Structure model' '_pdbx_struct_conn_angle.ptnr3_label_seq_id'  
14 2 'Structure model' '_pdbx_struct_conn_angle.value'               
15 2 'Structure model' '_struct_conn.pdbx_dist_value'                
16 2 'Structure model' '_struct_conn.ptnr1_auth_comp_id'             
17 2 'Structure model' '_struct_conn.ptnr1_auth_seq_id'              
18 2 'Structure model' '_struct_conn.ptnr1_label_atom_id'            
19 2 'Structure model' '_struct_conn.ptnr1_label_comp_id'            
20 2 'Structure model' '_struct_conn.ptnr1_label_seq_id'             
21 2 'Structure model' '_struct_conn.ptnr2_symmetry'                 
# 
_pdbx_database_status.status_code                     REL 
_pdbx_database_status.status_code_sf                  REL 
_pdbx_database_status.status_code_mr                  ? 
_pdbx_database_status.entry_id                        6SHK 
_pdbx_database_status.recvd_initial_deposition_date   2019-08-07 
_pdbx_database_status.SG_entry                        N 
_pdbx_database_status.deposit_site                    PDBE 
_pdbx_database_status.process_site                    PDBE 
_pdbx_database_status.status_code_cs                  ? 
_pdbx_database_status.methods_development_category    ? 
_pdbx_database_status.pdb_format_compatible           Y 
_pdbx_database_status.status_code_nmr_data            ? 
# 
_audit_author.name               'Zeth, K.' 
_audit_author.pdbx_ordinal       1 
_audit_author.identifier_ORCID   ? 
# 
loop_
_citation.abstract 
_citation.abstract_id_CAS 
_citation.book_id_ISBN 
_citation.book_publisher 
_citation.book_publisher_city 
_citation.book_title 
_citation.coordinate_linkage 
_citation.country 
_citation.database_id_Medline 
_citation.details 
_citation.id 
_citation.journal_abbrev 
_citation.journal_id_ASTM 
_citation.journal_id_CSD 
_citation.journal_id_ISSN 
_citation.journal_full 
_citation.journal_issue 
_citation.journal_volume 
_citation.language 
_citation.page_first 
_citation.page_last 
_citation.title 
_citation.year 
_citation.database_id_CSD 
_citation.pdbx_database_id_DOI 
_citation.pdbx_database_id_PubMed 
_citation.unpublished_flag 
? ? ? ? ? ? ? US ? ? 1       Proc.Natl.Acad.Sci.USA PNASA6 0040 1091-6490 ? ? 110 ? 4586 4591 
'Crystal structure and functional mechanism of a human antimicrobial membrane channel.' 2013 ? 10.1073/pnas.1214739110 23426625 ? 
? ? ? ? ? ? ? ?  ? ? primary 'To be published'      ?      0353 ?         ? ? ?   ? ?    ?    
'Crystal Structure and Functional Mechanism of a Human Antimicrobial Membrane Channel'  ?    ? ?                       ?        ? 
# 
loop_
_citation_author.citation_id 
_citation_author.name 
_citation_author.ordinal 
_citation_author.identifier_ORCID 
1       'Song, C.'       1  ? 
1       'Weichbrodt, C.' 2  ? 
1       'Salnikov, E.S.' 3  ? 
1       'Dynowski, M.'   4  ? 
1       'Forsberg, B.O.' 5  ? 
1       'Bechinger, B.'  6  ? 
1       'Steinem, C.'    7  ? 
1       'de Groot, B.L.' 8  ? 
1       'Zachariae, U.'  9  ? 
1       'Zeth, K.'       10 ? 
primary 'Zeth, K.'       11 ? 
# 
loop_
_entity.id 
_entity.type 
_entity.src_method 
_entity.pdbx_description 
_entity.formula_weight 
_entity.pdbx_number_of_molecules 
_entity.pdbx_ec 
_entity.pdbx_mutation 
_entity.pdbx_fragment 
_entity.details 
1 polymer     man Dermcidin  4826.503 1 3.4.-.- ? ? ? 
2 non-polymer syn 'ZINC ION' 65.409   2 ?       ? ? ? 
# 
_entity_name_com.entity_id   1 
_entity_name_com.name        Preproteolysin 
# 
_entity_poly.entity_id                      1 
_entity_poly.type                           'polypeptide(L)' 
_entity_poly.nstd_linkage                   no 
_entity_poly.nstd_monomer                   no 
_entity_poly.pdbx_seq_one_letter_code       SSLLEKGLDGAKKAVGGLGKLGKDAVEDLESVGKGAVHDVKDVLDSVL 
_entity_poly.pdbx_seq_one_letter_code_can   SSLLEKGLDGAKKAVGGLGKLGKDAVEDLESVGKGAVHDVKDVLDSVL 
_entity_poly.pdbx_strand_id                 A 
_entity_poly.pdbx_target_identifier         ? 
# 
_pdbx_entity_nonpoly.entity_id   2 
_pdbx_entity_nonpoly.name        'ZINC ION' 
_pdbx_entity_nonpoly.comp_id     ZN 
# 
loop_
_entity_poly_seq.entity_id 
_entity_poly_seq.num 
_entity_poly_seq.mon_id 
_entity_poly_seq.hetero 
1 1  SER n 
1 2  SER n 
1 3  LEU n 
1 4  LEU n 
1 5  GLU n 
1 6  LYS n 
1 7  GLY n 
1 8  LEU n 
1 9  ASP n 
1 10 GLY n 
1 11 ALA n 
1 12 LYS n 
1 13 LYS n 
1 14 ALA n 
1 15 VAL n 
1 16 GLY n 
1 17 GLY n 
1 18 LEU n 
1 19 GLY n 
1 20 LYS n 
1 21 LEU n 
1 22 GLY n 
1 23 LYS n 
1 24 ASP n 
1 25 ALA n 
1 26 VAL n 
1 27 GLU n 
1 28 ASP n 
1 29 LEU n 
1 30 GLU n 
1 31 SER n 
1 32 VAL n 
1 33 GLY n 
1 34 LYS n 
1 35 GLY n 
1 36 ALA n 
1 37 VAL n 
1 38 HIS n 
1 39 ASP n 
1 40 VAL n 
1 41 LYS n 
1 42 ASP n 
1 43 VAL n 
1 44 LEU n 
1 45 ASP n 
1 46 SER n 
1 47 VAL n 
1 48 LEU n 
# 
_entity_src_gen.entity_id                          1 
_entity_src_gen.pdbx_src_id                        1 
_entity_src_gen.pdbx_alt_source_flag               sample 
_entity_src_gen.pdbx_seq_type                      'Biological sequence' 
_entity_src_gen.pdbx_beg_seq_num                   1 
_entity_src_gen.pdbx_end_seq_num                   48 
_entity_src_gen.gene_src_common_name               Human 
_entity_src_gen.gene_src_genus                     ? 
_entity_src_gen.pdbx_gene_src_gene                 'DCD, AIDD, DSEP' 
_entity_src_gen.gene_src_species                   ? 
_entity_src_gen.gene_src_strain                    ? 
_entity_src_gen.gene_src_tissue                    ? 
_entity_src_gen.gene_src_tissue_fraction           ? 
_entity_src_gen.gene_src_details                   ? 
_entity_src_gen.pdbx_gene_src_fragment             ? 
_entity_src_gen.pdbx_gene_src_scientific_name      'Homo sapiens' 
_entity_src_gen.pdbx_gene_src_ncbi_taxonomy_id     9606 
_entity_src_gen.pdbx_gene_src_variant              ? 
_entity_src_gen.pdbx_gene_src_cell_line            ? 
_entity_src_gen.pdbx_gene_src_atcc                 ? 
_entity_src_gen.pdbx_gene_src_organ                ? 
_entity_src_gen.pdbx_gene_src_organelle            ? 
_entity_src_gen.pdbx_gene_src_cell                 ? 
_entity_src_gen.pdbx_gene_src_cellular_location    ? 
_entity_src_gen.host_org_common_name               ? 
_entity_src_gen.pdbx_host_org_scientific_name      'Escherichia coli' 
_entity_src_gen.pdbx_host_org_ncbi_taxonomy_id     562 
_entity_src_gen.host_org_genus                     ? 
_entity_src_gen.pdbx_host_org_gene                 ? 
_entity_src_gen.pdbx_host_org_organ                ? 
_entity_src_gen.host_org_species                   ? 
_entity_src_gen.pdbx_host_org_tissue               ? 
_entity_src_gen.pdbx_host_org_tissue_fraction      ? 
_entity_src_gen.pdbx_host_org_strain               ? 
_entity_src_gen.pdbx_host_org_variant              ? 
_entity_src_gen.pdbx_host_org_cell_line            ? 
_entity_src_gen.pdbx_host_org_atcc                 ? 
_entity_src_gen.pdbx_host_org_culture_collection   ? 
_entity_src_gen.pdbx_host_org_cell                 ? 
_entity_src_gen.pdbx_host_org_organelle            ? 
_entity_src_gen.pdbx_host_org_cellular_location    ? 
_entity_src_gen.pdbx_host_org_vector_type          ? 
_entity_src_gen.pdbx_host_org_vector               ? 
_entity_src_gen.host_org_details                   ? 
_entity_src_gen.expression_system_id               ? 
_entity_src_gen.plasmid_name                       ? 
_entity_src_gen.plasmid_details                    ? 
_entity_src_gen.pdbx_description                   ? 
# 
loop_
_chem_comp.id 
_chem_comp.type 
_chem_comp.mon_nstd_flag 
_chem_comp.name 
_chem_comp.pdbx_synonyms 
_chem_comp.formula 
_chem_comp.formula_weight 
ALA 'L-peptide linking' y ALANINE         ? 'C3 H7 N O2'     89.093  
ASP 'L-peptide linking' y 'ASPARTIC ACID' ? 'C4 H7 N O4'     133.103 
GLU 'L-peptide linking' y 'GLUTAMIC ACID' ? 'C5 H9 N O4'     147.129 
GLY 'peptide linking'   y GLYCINE         ? 'C2 H5 N O2'     75.067  
HIS 'L-peptide linking' y HISTIDINE       ? 'C6 H10 N3 O2 1' 156.162 
LEU 'L-peptide linking' y LEUCINE         ? 'C6 H13 N O2'    131.173 
LYS 'L-peptide linking' y LYSINE          ? 'C6 H15 N2 O2 1' 147.195 
SER 'L-peptide linking' y SERINE          ? 'C3 H7 N O3'     105.093 
VAL 'L-peptide linking' y VALINE          ? 'C5 H11 N O2'    117.146 
ZN  non-polymer         . 'ZINC ION'      ? 'Zn 2'           65.409  
# 
loop_
_pdbx_poly_seq_scheme.asym_id 
_pdbx_poly_seq_scheme.entity_id 
_pdbx_poly_seq_scheme.seq_id 
_pdbx_poly_seq_scheme.mon_id 
_pdbx_poly_seq_scheme.ndb_seq_num 
_pdbx_poly_seq_scheme.pdb_seq_num 
_pdbx_poly_seq_scheme.auth_seq_num 
_pdbx_poly_seq_scheme.pdb_mon_id 
_pdbx_poly_seq_scheme.auth_mon_id 
_pdbx_poly_seq_scheme.pdb_strand_id 
_pdbx_poly_seq_scheme.pdb_ins_code 
_pdbx_poly_seq_scheme.hetero 
A 1 1  SER 1  1  1  SER SER A . n 
A 1 2  SER 2  2  2  SER SER A . n 
A 1 3  LEU 3  3  3  LEU LEU A . n 
A 1 4  LEU 4  4  4  LEU LEU A . n 
A 1 5  GLU 5  5  5  GLU GLU A . n 
A 1 6  LYS 6  6  6  LYS LYS A . n 
A 1 7  GLY 7  7  7  GLY GLY A . n 
A 1 8  LEU 8  8  8  LEU LEU A . n 
A 1 9  ASP 9  9  9  ASP ASP A . n 
A 1 10 GLY 10 10 10 GLY GLY A . n 
A 1 11 ALA 11 11 11 ALA ALA A . n 
A 1 12 LYS 12 12 12 LYS LYS A . n 
A 1 13 LYS 13 13 13 LYS LYS A . n 
A 1 14 ALA 14 14 14 ALA ALA A . n 
A 1 15 VAL 15 15 15 VAL VAL A . n 
A 1 16 GLY 16 16 16 GLY GLY A . n 
A 1 17 GLY 17 17 17 GLY GLY A . n 
A 1 18 LEU 18 18 18 LEU LEU A . n 
A 1 19 GLY 19 19 19 GLY GLY A . n 
A 1 20 LYS 20 20 20 LYS LYS A . n 
A 1 21 LEU 21 21 21 LEU LEU A . n 
A 1 22 GLY 22 22 22 GLY GLY A . n 
A 1 23 LYS 23 23 23 LYS LYS A . n 
A 1 24 ASP 24 24 24 ASP ASP A . n 
A 1 25 ALA 25 25 25 ALA ALA A . n 
A 1 26 VAL 26 26 26 VAL VAL A . n 
A 1 27 GLU 27 27 27 GLU GLU A . n 
A 1 28 ASP 28 28 28 ASP ASP A . n 
A 1 29 LEU 29 29 29 LEU LEU A . n 
A 1 30 GLU 30 30 30 GLU GLU A . n 
A 1 31 SER 31 31 31 SER SER A . n 
A 1 32 VAL 32 32 32 VAL VAL A . n 
A 1 33 GLY 33 33 33 GLY GLY A . n 
A 1 34 LYS 34 34 34 LYS LYS A . n 
A 1 35 GLY 35 35 35 GLY GLY A . n 
A 1 36 ALA 36 36 36 ALA ALA A . n 
A 1 37 VAL 37 37 37 VAL VAL A . n 
A 1 38 HIS 38 38 38 HIS HIS A . n 
A 1 39 ASP 39 39 39 ASP ASP A . n 
A 1 40 VAL 40 40 40 VAL VAL A . n 
A 1 41 LYS 41 41 41 LYS LYS A . n 
A 1 42 ASP 42 42 42 ASP ASP A . n 
A 1 43 VAL 43 43 43 VAL VAL A . n 
A 1 44 LEU 44 44 44 LEU LEU A . n 
A 1 45 ASP 45 45 45 ASP ASP A . n 
A 1 46 SER 46 46 46 SER SER A . n 
A 1 47 VAL 47 47 47 VAL VAL A . n 
A 1 48 LEU 48 48 48 LEU LEU A . n 
# 
loop_
_pdbx_nonpoly_scheme.asym_id 
_pdbx_nonpoly_scheme.entity_id 
_pdbx_nonpoly_scheme.mon_id 
_pdbx_nonpoly_scheme.ndb_seq_num 
_pdbx_nonpoly_scheme.pdb_seq_num 
_pdbx_nonpoly_scheme.auth_seq_num 
_pdbx_nonpoly_scheme.pdb_mon_id 
_pdbx_nonpoly_scheme.auth_mon_id 
_pdbx_nonpoly_scheme.pdb_strand_id 
_pdbx_nonpoly_scheme.pdb_ins_code 
B 2 ZN 1 101 1 ZN ZN A . 
C 2 ZN 1 102 2 ZN ZN A . 
# 
loop_
_software.citation_id 
_software.classification 
_software.compiler_name 
_software.compiler_version 
_software.contact_author 
_software.contact_author_email 
_software.date 
_software.description 
_software.dependencies 
_software.hardware 
_software.language 
_software.location 
_software.mods 
_software.name 
_software.os 
_software.os_version 
_software.type 
_software.version 
_software.pdbx_ordinal 
? refinement        ? ? ? ? ? ? ? ? ? ? ? PHENIX      ? ? ? 1.13_2998 1 
? 'data extraction' ? ? ? ? ? ? ? ? ? ? ? PDB_EXTRACT ? ? ? 3.25      2 
? 'data reduction'  ? ? ? ? ? ? ? ? ? ? ? XDS         ? ? ? .         3 
? 'data scaling'    ? ? ? ? ? ? ? ? ? ? ? XDS         ? ? ? .         4 
? phasing           ? ? ? ? ? ? ? ? ? ? ? PHENIX      ? ? ? .         5 
# 
_cell.angle_alpha                  90.000 
_cell.angle_alpha_esd              ? 
_cell.angle_beta                   90.000 
_cell.angle_beta_esd               ? 
_cell.angle_gamma                  120.000 
_cell.angle_gamma_esd              ? 
_cell.entry_id                     6SHK 
_cell.details                      ? 
_cell.formula_units_Z              ? 
_cell.length_a                     50.758 
_cell.length_a_esd                 ? 
_cell.length_b                     50.758 
_cell.length_b_esd                 ? 
_cell.length_c                     105.880 
_cell.length_c_esd                 ? 
_cell.volume                       ? 
_cell.volume_esd                   ? 
_cell.Z_PDB                        18 
_cell.reciprocal_angle_alpha       ? 
_cell.reciprocal_angle_beta        ? 
_cell.reciprocal_angle_gamma       ? 
_cell.reciprocal_angle_alpha_esd   ? 
_cell.reciprocal_angle_beta_esd    ? 
_cell.reciprocal_angle_gamma_esd   ? 
_cell.reciprocal_length_a          ? 
_cell.reciprocal_length_b          ? 
_cell.reciprocal_length_c          ? 
_cell.reciprocal_length_a_esd      ? 
_cell.reciprocal_length_b_esd      ? 
_cell.reciprocal_length_c_esd      ? 
_cell.pdbx_unique_axis             ? 
# 
_symmetry.entry_id                         6SHK 
_symmetry.cell_setting                     ? 
_symmetry.Int_Tables_number                155 
_symmetry.space_group_name_Hall            ? 
_symmetry.space_group_name_H-M             'H 3 2' 
_symmetry.pdbx_full_space_group_name_H-M   ? 
# 
_exptl.absorpt_coefficient_mu     ? 
_exptl.absorpt_correction_T_max   ? 
_exptl.absorpt_correction_T_min   ? 
_exptl.absorpt_correction_type    ? 
_exptl.absorpt_process_details    ? 
_exptl.entry_id                   6SHK 
_exptl.crystals_number            1 
_exptl.details                    ? 
_exptl.method                     'X-RAY DIFFRACTION' 
_exptl.method_details             ? 
# 
_exptl_crystal.colour                      ? 
_exptl_crystal.density_diffrn              ? 
_exptl_crystal.density_Matthews            2.72 
_exptl_crystal.density_method              ? 
_exptl_crystal.density_percent_sol         54.77 
_exptl_crystal.description                 ? 
_exptl_crystal.F_000                       ? 
_exptl_crystal.id                          1 
_exptl_crystal.preparation                 ? 
_exptl_crystal.size_max                    ? 
_exptl_crystal.size_mid                    ? 
_exptl_crystal.size_min                    ? 
_exptl_crystal.size_rad                    ? 
_exptl_crystal.colour_lustre               ? 
_exptl_crystal.colour_modifier             ? 
_exptl_crystal.colour_primary              ? 
_exptl_crystal.density_meas                ? 
_exptl_crystal.density_meas_esd            ? 
_exptl_crystal.density_meas_gt             ? 
_exptl_crystal.density_meas_lt             ? 
_exptl_crystal.density_meas_temp           ? 
_exptl_crystal.density_meas_temp_esd       ? 
_exptl_crystal.density_meas_temp_gt        ? 
_exptl_crystal.density_meas_temp_lt        ? 
_exptl_crystal.pdbx_crystal_image_url      ? 
_exptl_crystal.pdbx_crystal_image_format   ? 
_exptl_crystal.pdbx_mosaicity              ? 
_exptl_crystal.pdbx_mosaicity_esd          ? 
# 
_exptl_crystal_grow.apparatus       ? 
_exptl_crystal_grow.atmosphere      ? 
_exptl_crystal_grow.crystal_id      1 
_exptl_crystal_grow.details         ? 
_exptl_crystal_grow.method          'VAPOR DIFFUSION, SITTING DROP' 
_exptl_crystal_grow.method_ref      ? 
_exptl_crystal_grow.pH              ? 
_exptl_crystal_grow.pressure        ? 
_exptl_crystal_grow.pressure_esd    ? 
_exptl_crystal_grow.seeding         ? 
_exptl_crystal_grow.seeding_ref     ? 
_exptl_crystal_grow.temp            298 
_exptl_crystal_grow.temp_details    ? 
_exptl_crystal_grow.temp_esd        ? 
_exptl_crystal_grow.time            ? 
_exptl_crystal_grow.pdbx_details    '30% PEG 4000, Ph 7, 200 mM Zinc' 
_exptl_crystal_grow.pdbx_pH_range   ? 
# 
_diffrn.ambient_environment              ? 
_diffrn.ambient_temp                     100 
_diffrn.ambient_temp_details             ? 
_diffrn.ambient_temp_esd                 ? 
_diffrn.crystal_id                       1 
_diffrn.crystal_support                  ? 
_diffrn.crystal_treatment                ? 
_diffrn.details                          ? 
_diffrn.id                               1 
_diffrn.ambient_pressure                 ? 
_diffrn.ambient_pressure_esd             ? 
_diffrn.ambient_pressure_gt              ? 
_diffrn.ambient_pressure_lt              ? 
_diffrn.ambient_temp_gt                  ? 
_diffrn.ambient_temp_lt                  ? 
_diffrn.pdbx_serial_crystal_experiment   N 
# 
_diffrn_detector.details                      ? 
_diffrn_detector.detector                     PIXEL 
_diffrn_detector.diffrn_id                    1 
_diffrn_detector.type                         'DECTRIS PILATUS3 S 6M' 
_diffrn_detector.area_resol_mean              ? 
_diffrn_detector.dtime                        ? 
_diffrn_detector.pdbx_frames_total            ? 
_diffrn_detector.pdbx_collection_time_total   ? 
_diffrn_detector.pdbx_collection_date         2018-12-01 
_diffrn_detector.pdbx_frequency               ? 
# 
_diffrn_radiation.collimation                      ? 
_diffrn_radiation.diffrn_id                        1 
_diffrn_radiation.filter_edge                      ? 
_diffrn_radiation.inhomogeneity                    ? 
_diffrn_radiation.monochromator                    ? 
_diffrn_radiation.polarisn_norm                    ? 
_diffrn_radiation.polarisn_ratio                   ? 
_diffrn_radiation.probe                            ? 
_diffrn_radiation.type                             ? 
_diffrn_radiation.xray_symbol                      ? 
_diffrn_radiation.wavelength_id                    1 
_diffrn_radiation.pdbx_monochromatic_or_laue_m_l   M 
_diffrn_radiation.pdbx_wavelength_list             ? 
_diffrn_radiation.pdbx_wavelength                  ? 
_diffrn_radiation.pdbx_diffrn_protocol             'SINGLE WAVELENGTH' 
_diffrn_radiation.pdbx_analyzer                    ? 
_diffrn_radiation.pdbx_scattering_type             x-ray 
# 
_diffrn_radiation_wavelength.id           1 
_diffrn_radiation_wavelength.wavelength   1 
_diffrn_radiation_wavelength.wt           1.0 
# 
_diffrn_source.current                     ? 
_diffrn_source.details                     ? 
_diffrn_source.diffrn_id                   1 
_diffrn_source.power                       ? 
_diffrn_source.size                        ? 
_diffrn_source.source                      SYNCHROTRON 
_diffrn_source.target                      ? 
_diffrn_source.type                        'PETRA III, EMBL c/o DESY BEAMLINE P13 (MX1)' 
_diffrn_source.voltage                     ? 
_diffrn_source.take-off_angle              ? 
_diffrn_source.pdbx_wavelength_list        1 
_diffrn_source.pdbx_wavelength             ? 
_diffrn_source.pdbx_synchrotron_beamline   'P13 (MX1)' 
_diffrn_source.pdbx_synchrotron_site       'PETRA III, EMBL c/o DESY' 
# 
_reflns.B_iso_Wilson_estimate            ? 
_reflns.entry_id                         6SHK 
_reflns.data_reduction_details           ? 
_reflns.data_reduction_method            ? 
_reflns.d_resolution_high                1.99 
_reflns.d_resolution_low                 50 
_reflns.details                          ? 
_reflns.limit_h_max                      ? 
_reflns.limit_h_min                      ? 
_reflns.limit_k_max                      ? 
_reflns.limit_k_min                      ? 
_reflns.limit_l_max                      ? 
_reflns.limit_l_min                      ? 
_reflns.number_all                       ? 
_reflns.number_obs                       6939 
_reflns.observed_criterion               ? 
_reflns.observed_criterion_F_max         ? 
_reflns.observed_criterion_F_min         ? 
_reflns.observed_criterion_I_max         ? 
_reflns.observed_criterion_I_min         ? 
_reflns.observed_criterion_sigma_F       ? 
_reflns.observed_criterion_sigma_I       ? 
_reflns.percent_possible_obs             99.4 
_reflns.R_free_details                   ? 
_reflns.Rmerge_F_all                     ? 
_reflns.Rmerge_F_obs                     ? 
_reflns.Friedel_coverage                 ? 
_reflns.number_gt                        ? 
_reflns.threshold_expression             ? 
_reflns.pdbx_redundancy                  9.34 
_reflns.pdbx_Rmerge_I_obs                0.092 
_reflns.pdbx_Rmerge_I_all                ? 
_reflns.pdbx_Rsym_value                  ? 
_reflns.pdbx_netI_over_av_sigmaI         ? 
_reflns.pdbx_netI_over_sigmaI            11.32 
_reflns.pdbx_res_netI_over_av_sigmaI_2   ? 
_reflns.pdbx_res_netI_over_sigmaI_2      ? 
_reflns.pdbx_chi_squared                 ? 
_reflns.pdbx_scaling_rejects             ? 
_reflns.pdbx_d_res_high_opt              ? 
_reflns.pdbx_d_res_low_opt               ? 
_reflns.pdbx_d_res_opt_method            ? 
_reflns.phase_calculation_details        ? 
_reflns.pdbx_Rrim_I_all                  0.098 
_reflns.pdbx_Rpim_I_all                  ? 
_reflns.pdbx_d_opt                       ? 
_reflns.pdbx_number_measured_all         ? 
_reflns.pdbx_diffrn_id                   1 
_reflns.pdbx_ordinal                     1 
_reflns.pdbx_CC_half                     0.99 
_reflns.pdbx_R_split                     ? 
# 
_reflns_shell.d_res_high                  1.99 
_reflns_shell.d_res_low                   2.11 
_reflns_shell.meanI_over_sigI_all         ? 
_reflns_shell.meanI_over_sigI_obs         0.48 
_reflns_shell.number_measured_all         ? 
_reflns_shell.number_measured_obs         ? 
_reflns_shell.number_possible             ? 
_reflns_shell.number_unique_all           ? 
_reflns_shell.number_unique_obs           1072 
_reflns_shell.percent_possible_all        ? 
_reflns_shell.percent_possible_obs        ? 
_reflns_shell.Rmerge_F_all                ? 
_reflns_shell.Rmerge_F_obs                ? 
_reflns_shell.Rmerge_I_all                ? 
_reflns_shell.Rmerge_I_obs                3.5 
_reflns_shell.meanI_over_sigI_gt          ? 
_reflns_shell.meanI_over_uI_all           ? 
_reflns_shell.meanI_over_uI_gt            ? 
_reflns_shell.number_measured_gt          ? 
_reflns_shell.number_unique_gt            ? 
_reflns_shell.percent_possible_gt         ? 
_reflns_shell.Rmerge_F_gt                 ? 
_reflns_shell.Rmerge_I_gt                 ? 
_reflns_shell.pdbx_redundancy             ? 
_reflns_shell.pdbx_Rsym_value             ? 
_reflns_shell.pdbx_chi_squared            ? 
_reflns_shell.pdbx_netI_over_sigmaI_all   ? 
_reflns_shell.pdbx_netI_over_sigmaI_obs   ? 
_reflns_shell.pdbx_Rrim_I_all             3.8 
_reflns_shell.pdbx_Rpim_I_all             ? 
_reflns_shell.pdbx_rejects                ? 
_reflns_shell.pdbx_ordinal                1 
_reflns_shell.pdbx_diffrn_id              1 
_reflns_shell.pdbx_CC_half                0.54 
_reflns_shell.pdbx_R_split                ? 
# 
_refine.aniso_B[1][1]                            ? 
_refine.aniso_B[1][2]                            ? 
_refine.aniso_B[1][3]                            ? 
_refine.aniso_B[2][2]                            ? 
_refine.aniso_B[2][3]                            ? 
_refine.aniso_B[3][3]                            ? 
_refine.B_iso_max                                157.980 
_refine.B_iso_mean                               79.3895 
_refine.B_iso_min                                39.720 
_refine.correlation_coeff_Fo_to_Fc               ? 
_refine.correlation_coeff_Fo_to_Fc_free          ? 
_refine.details                                  ? 
_refine.diff_density_max                         ? 
_refine.diff_density_max_esd                     ? 
_refine.diff_density_min                         ? 
_refine.diff_density_min_esd                     ? 
_refine.diff_density_rms                         ? 
_refine.diff_density_rms_esd                     ? 
_refine.entry_id                                 6SHK 
_refine.pdbx_refine_id                           'X-RAY DIFFRACTION' 
_refine.ls_abs_structure_details                 ? 
_refine.ls_abs_structure_Flack                   ? 
_refine.ls_abs_structure_Flack_esd               ? 
_refine.ls_abs_structure_Rogers                  ? 
_refine.ls_abs_structure_Rogers_esd              ? 
_refine.ls_d_res_high                            1.9920 
_refine.ls_d_res_low                             35.2930 
_refine.ls_extinction_coef                       ? 
_refine.ls_extinction_coef_esd                   ? 
_refine.ls_extinction_expression                 ? 
_refine.ls_extinction_method                     ? 
_refine.ls_goodness_of_fit_all                   ? 
_refine.ls_goodness_of_fit_all_esd               ? 
_refine.ls_goodness_of_fit_obs                   ? 
_refine.ls_goodness_of_fit_obs_esd               ? 
_refine.ls_hydrogen_treatment                    ? 
_refine.ls_matrix_type                           ? 
_refine.ls_number_constraints                    ? 
_refine.ls_number_parameters                     ? 
_refine.ls_number_reflns_all                     ? 
_refine.ls_number_reflns_obs                     6870 
_refine.ls_number_reflns_R_free                  341 
_refine.ls_number_reflns_R_work                  ? 
_refine.ls_number_restraints                     ? 
_refine.ls_percent_reflns_obs                    98.4500 
_refine.ls_percent_reflns_R_free                 4.9600 
_refine.ls_R_factor_all                          ? 
_refine.ls_R_factor_obs                          0.2806 
_refine.ls_R_factor_R_free                       0.2737 
_refine.ls_R_factor_R_free_error                 ? 
_refine.ls_R_factor_R_free_error_details         ? 
_refine.ls_R_factor_R_work                       0.2810 
_refine.ls_R_Fsqd_factor_obs                     ? 
_refine.ls_R_I_factor_obs                        ? 
_refine.ls_redundancy_reflns_all                 ? 
_refine.ls_redundancy_reflns_obs                 ? 
_refine.ls_restrained_S_all                      ? 
_refine.ls_restrained_S_obs                      ? 
_refine.ls_shift_over_esd_max                    ? 
_refine.ls_shift_over_esd_mean                   ? 
_refine.ls_structure_factor_coef                 ? 
_refine.ls_weighting_details                     ? 
_refine.ls_weighting_scheme                      ? 
_refine.ls_wR_factor_all                         ? 
_refine.ls_wR_factor_obs                         ? 
_refine.ls_wR_factor_R_free                      ? 
_refine.ls_wR_factor_R_work                      ? 
_refine.occupancy_max                            ? 
_refine.occupancy_min                            ? 
_refine.solvent_model_details                    ? 
_refine.solvent_model_param_bsol                 ? 
_refine.solvent_model_param_ksol                 ? 
_refine.ls_R_factor_gt                           ? 
_refine.ls_goodness_of_fit_gt                    ? 
_refine.ls_goodness_of_fit_ref                   ? 
_refine.ls_shift_over_su_max                     ? 
_refine.ls_shift_over_su_max_lt                  ? 
_refine.ls_shift_over_su_mean                    ? 
_refine.ls_shift_over_su_mean_lt                 ? 
_refine.pdbx_ls_sigma_I                          ? 
_refine.pdbx_ls_sigma_F                          1.330 
_refine.pdbx_ls_sigma_Fsqd                       ? 
_refine.pdbx_data_cutoff_high_absF               ? 
_refine.pdbx_data_cutoff_high_rms_absF           ? 
_refine.pdbx_data_cutoff_low_absF                ? 
_refine.pdbx_isotropic_thermal_model             ? 
_refine.pdbx_ls_cross_valid_method               THROUGHOUT 
_refine.pdbx_method_to_determine_struct          'MOLECULAR REPLACEMENT' 
_refine.pdbx_starting_model                      2YMK 
_refine.pdbx_stereochemistry_target_values       ? 
_refine.pdbx_R_Free_selection_details            ? 
_refine.pdbx_stereochem_target_val_spec_case     ? 
_refine.pdbx_overall_ESU_R                       ? 
_refine.pdbx_overall_ESU_R_Free                  ? 
_refine.pdbx_solvent_vdw_probe_radii             1.1100 
_refine.pdbx_solvent_ion_probe_radii             ? 
_refine.pdbx_solvent_shrinkage_radii             0.9000 
_refine.pdbx_real_space_R                        ? 
_refine.pdbx_density_correlation                 ? 
_refine.pdbx_pd_number_of_powder_patterns        ? 
_refine.pdbx_pd_number_of_points                 ? 
_refine.pdbx_pd_meas_number_of_points            ? 
_refine.pdbx_pd_proc_ls_prof_R_factor            ? 
_refine.pdbx_pd_proc_ls_prof_wR_factor           ? 
_refine.pdbx_pd_Marquardt_correlation_coeff      ? 
_refine.pdbx_pd_Fsqrd_R_factor                   ? 
_refine.pdbx_pd_ls_matrix_band_width             ? 
_refine.pdbx_overall_phase_error                 43.8900 
_refine.pdbx_overall_SU_R_free_Cruickshank_DPI   ? 
_refine.pdbx_overall_SU_R_free_Blow_DPI          ? 
_refine.pdbx_overall_SU_R_Blow_DPI               ? 
_refine.pdbx_TLS_residual_ADP_flag               ? 
_refine.pdbx_diffrn_id                           1 
_refine.overall_SU_B                             ? 
_refine.overall_SU_ML                            0.2900 
_refine.overall_SU_R_Cruickshank_DPI             ? 
_refine.overall_SU_R_free                        ? 
_refine.overall_FOM_free_R_set                   ? 
_refine.overall_FOM_work_R_set                   ? 
_refine.pdbx_average_fsc_overall                 ? 
_refine.pdbx_average_fsc_work                    ? 
_refine.pdbx_average_fsc_free                    ? 
# 
_refine_hist.pdbx_refine_id                   'X-RAY DIFFRACTION' 
_refine_hist.cycle_id                         final 
_refine_hist.details                          ? 
_refine_hist.d_res_high                       1.9920 
_refine_hist.d_res_low                        35.2930 
_refine_hist.number_atoms_solvent             0 
_refine_hist.number_atoms_total               339 
_refine_hist.number_reflns_all                ? 
_refine_hist.number_reflns_obs                ? 
_refine_hist.number_reflns_R_free             ? 
_refine_hist.number_reflns_R_work             ? 
_refine_hist.R_factor_all                     ? 
_refine_hist.R_factor_obs                     ? 
_refine_hist.R_factor_R_free                  ? 
_refine_hist.R_factor_R_work                  ? 
_refine_hist.pdbx_number_residues_total       48 
_refine_hist.pdbx_B_iso_mean_ligand           103.97 
_refine_hist.pdbx_B_iso_mean_solvent          ? 
_refine_hist.pdbx_number_atoms_protein        337 
_refine_hist.pdbx_number_atoms_nucleic_acid   0 
_refine_hist.pdbx_number_atoms_ligand         2 
_refine_hist.pdbx_number_atoms_lipid          ? 
_refine_hist.pdbx_number_atoms_carb           ? 
_refine_hist.pdbx_pseudo_atom_details         ? 
# 
loop_
_refine_ls_shell.pdbx_refine_id 
_refine_ls_shell.d_res_high 
_refine_ls_shell.d_res_low 
_refine_ls_shell.number_reflns_all 
_refine_ls_shell.number_reflns_obs 
_refine_ls_shell.number_reflns_R_free 
_refine_ls_shell.number_reflns_R_work 
_refine_ls_shell.percent_reflns_obs 
_refine_ls_shell.percent_reflns_R_free 
_refine_ls_shell.R_factor_all 
_refine_ls_shell.R_factor_obs 
_refine_ls_shell.R_factor_R_free 
_refine_ls_shell.R_factor_R_free_error 
_refine_ls_shell.R_factor_R_work 
_refine_ls_shell.redundancy_reflns_all 
_refine_ls_shell.redundancy_reflns_obs 
_refine_ls_shell.wR_factor_all 
_refine_ls_shell.wR_factor_obs 
_refine_ls_shell.wR_factor_R_free 
_refine_ls_shell.wR_factor_R_work 
_refine_ls_shell.pdbx_total_number_of_bins_used 
_refine_ls_shell.pdbx_phase_error 
_refine_ls_shell.pdbx_fsc_work 
_refine_ls_shell.pdbx_fsc_free 
'X-RAY DIFFRACTION' 1.992  2.5091 . . 170 3237 98.0000 . . . 0.4146 0.0000 0.3625 . . . . . . . . . . 
'X-RAY DIFFRACTION' 2.5091 35.29  . . 171 3292 99.0000 . . . 0.2551 0.0000 0.2679 . . . . . . . . . . 
# 
_struct.entry_id                     6SHK 
_struct.title                        'High resolution structure of the antimicrobial peptide Dermcidin from human' 
_struct.pdbx_model_details           ? 
_struct.pdbx_formula_weight          ? 
_struct.pdbx_formula_weight_method   ? 
_struct.pdbx_model_type_details      ? 
_struct.pdbx_CASP_flag               N 
# 
_struct_keywords.entry_id        6SHK 
_struct_keywords.text            'AMP, antimicrobial peptides, channel, barrel stave model, Antimicrobial protein' 
_struct_keywords.pdbx_keywords   'ANTIMICROBIAL PROTEIN' 
# 
loop_
_struct_asym.id 
_struct_asym.pdbx_blank_PDB_chainid_flag 
_struct_asym.pdbx_modified 
_struct_asym.entity_id 
_struct_asym.details 
A N N 1 ? 
B N N 2 ? 
C N N 2 ? 
# 
_struct_ref.id                         1 
_struct_ref.db_name                    UNP 
_struct_ref.db_code                    DCD_HUMAN 
_struct_ref.pdbx_db_accession          P81605 
_struct_ref.pdbx_db_isoform            ? 
_struct_ref.entity_id                  1 
_struct_ref.pdbx_seq_one_letter_code   SSLLEKGLDGAKKAVGGLGKLGKDAVEDLESVGKGAVHDVKDVLDSVL 
_struct_ref.pdbx_align_begin           63 
# 
_struct_ref_seq.align_id                      1 
_struct_ref_seq.ref_id                        1 
_struct_ref_seq.pdbx_PDB_id_code              6SHK 
_struct_ref_seq.pdbx_strand_id                A 
_struct_ref_seq.seq_align_beg                 1 
_struct_ref_seq.pdbx_seq_align_beg_ins_code   ? 
_struct_ref_seq.seq_align_end                 48 
_struct_ref_seq.pdbx_seq_align_end_ins_code   ? 
_struct_ref_seq.pdbx_db_accession             P81605 
_struct_ref_seq.db_align_beg                  63 
_struct_ref_seq.pdbx_db_align_beg_ins_code    ? 
_struct_ref_seq.db_align_end                  110 
_struct_ref_seq.pdbx_db_align_end_ins_code    ? 
_struct_ref_seq.pdbx_auth_seq_align_beg       1 
_struct_ref_seq.pdbx_auth_seq_align_end       48 
# 
_pdbx_struct_assembly.id                   1 
_pdbx_struct_assembly.details              author_and_software_defined_assembly 
_pdbx_struct_assembly.method_details       PISA 
_pdbx_struct_assembly.oligomeric_details   hexameric 
_pdbx_struct_assembly.oligomeric_count     6 
# 
loop_
_pdbx_struct_assembly_prop.biol_id 
_pdbx_struct_assembly_prop.type 
_pdbx_struct_assembly_prop.value 
_pdbx_struct_assembly_prop.details 
1 'ABSA (A^2)' 10600 ? 
1 MORE         -429  ? 
1 'SSA (A^2)'  17620 ? 
# 
_pdbx_struct_assembly_gen.assembly_id       1 
_pdbx_struct_assembly_gen.oper_expression   1,2,3,4,5,6 
_pdbx_struct_assembly_gen.asym_id_list      A,B,C 
# 
_pdbx_struct_assembly_auth_evidence.id                     1 
_pdbx_struct_assembly_auth_evidence.assembly_id            1 
_pdbx_struct_assembly_auth_evidence.experimental_support   SAXS 
_pdbx_struct_assembly_auth_evidence.details                ? 
# 
loop_
_pdbx_struct_oper_list.id 
_pdbx_struct_oper_list.type 
_pdbx_struct_oper_list.name 
_pdbx_struct_oper_list.symmetry_operation 
_pdbx_struct_oper_list.matrix[1][1] 
_pdbx_struct_oper_list.matrix[1][2] 
_pdbx_struct_oper_list.matrix[1][3] 
_pdbx_struct_oper_list.vector[1] 
_pdbx_struct_oper_list.matrix[2][1] 
_pdbx_struct_oper_list.matrix[2][2] 
_pdbx_struct_oper_list.matrix[2][3] 
_pdbx_struct_oper_list.vector[2] 
_pdbx_struct_oper_list.matrix[3][1] 
_pdbx_struct_oper_list.matrix[3][2] 
_pdbx_struct_oper_list.matrix[3][3] 
_pdbx_struct_oper_list.vector[3] 
1 'identity operation'         1_555 x,y,z        1.0000000000  0.0000000000  0.0000000000  0.0000000000  0.0000000000  1.0000000000  0.0000000000  0.0000000000  0.0000000000  0.0000000000  1.0000000000  0.0000000000  
2 'crystal symmetry operation' 2_555 -y,x-y,z     -0.4540271344 -0.6053743468 -0.6537440336 14.8548963106 0.8665050969  -0.1291874139 -0.4821613102 7.9467080987  0.2074325871  -0.7853868552 0.5832145484  7.7098048384  
3 'crystal symmetry operation' 3_555 -x+y,-x,z    -0.4540271344 0.8665050969  0.2074325871  -1.7406018314 -0.6053743468 -0.1291874139 -0.7853868552 16.0745671952 -0.6537440336 -0.4821613102 0.5832145484  9.0464246751  
4 'crystal symmetry operation' 4_556 y,x,-z+1     0.2083793825  0.7150421077  0.6673026429  -6.6383561098 0.7150421077  -0.5768835325 0.3948672868  5.4594577857  0.6673026429  0.3948672868  -0.6314958500 6.1709787886  
5 'crystal symmetry operation' 5_556 x-y,-y,-z+1  0.6633980505  -0.7426126975 -0.0918118080 7.2841020634  -0.7426126975 -0.6684656337 0.0409887546  14.5413588311 -0.0918118080 0.0409887546  -0.9949324168 14.3528756631 
6 'crystal symmetry operation' 6_556 -x,-x+y,-z+1 -0.9637231642 -0.2335601603 -0.1291793884 10.5296338571 -0.2335601603 0.5037239941  0.8316921241  -1.4861617565 -0.1291793884 0.8316921241  -0.5400008300 5.6440116820 
# 
_struct_conf.conf_type_id            HELX_P 
_struct_conf.id                      HELX_P1 
_struct_conf.pdbx_PDB_helix_id       AA1 
_struct_conf.beg_label_comp_id       SER 
_struct_conf.beg_label_asym_id       A 
_struct_conf.beg_label_seq_id        2 
_struct_conf.pdbx_beg_PDB_ins_code   ? 
_struct_conf.end_label_comp_id       LEU 
_struct_conf.end_label_asym_id       A 
_struct_conf.end_label_seq_id        44 
_struct_conf.pdbx_end_PDB_ins_code   ? 
_struct_conf.beg_auth_comp_id        SER 
_struct_conf.beg_auth_asym_id        A 
_struct_conf.beg_auth_seq_id         2 
_struct_conf.end_auth_comp_id        LEU 
_struct_conf.end_auth_asym_id        A 
_struct_conf.end_auth_seq_id         44 
_struct_conf.pdbx_PDB_helix_class    1 
_struct_conf.details                 ? 
_struct_conf.pdbx_PDB_helix_length   43 
# 
_struct_conf_type.id          HELX_P 
_struct_conf_type.criteria    ? 
_struct_conf_type.reference   ? 
# 
loop_
_struct_conn.id 
_struct_conn.conn_type_id 
_struct_conn.pdbx_leaving_atom_flag 
_struct_conn.pdbx_PDB_id 
_struct_conn.ptnr1_label_asym_id 
_struct_conn.ptnr1_label_comp_id 
_struct_conn.ptnr1_label_seq_id 
_struct_conn.ptnr1_label_atom_id 
_struct_conn.pdbx_ptnr1_label_alt_id 
_struct_conn.pdbx_ptnr1_PDB_ins_code 
_struct_conn.pdbx_ptnr1_standard_comp_id 
_struct_conn.ptnr1_symmetry 
_struct_conn.ptnr2_label_asym_id 
_struct_conn.ptnr2_label_comp_id 
_struct_conn.ptnr2_label_seq_id 
_struct_conn.ptnr2_label_atom_id 
_struct_conn.pdbx_ptnr2_label_alt_id 
_struct_conn.pdbx_ptnr2_PDB_ins_code 
_struct_conn.ptnr1_auth_asym_id 
_struct_conn.ptnr1_auth_comp_id 
_struct_conn.ptnr1_auth_seq_id 
_struct_conn.ptnr2_auth_asym_id 
_struct_conn.ptnr2_auth_comp_id 
_struct_conn.ptnr2_auth_seq_id 
_struct_conn.ptnr2_symmetry 
_struct_conn.pdbx_ptnr3_label_atom_id 
_struct_conn.pdbx_ptnr3_label_seq_id 
_struct_conn.pdbx_ptnr3_label_comp_id 
_struct_conn.pdbx_ptnr3_label_asym_id 
_struct_conn.pdbx_ptnr3_label_alt_id 
_struct_conn.pdbx_ptnr3_PDB_ins_code 
_struct_conn.details 
_struct_conn.pdbx_dist_value 
_struct_conn.pdbx_value_order 
_struct_conn.pdbx_role 
metalc1 metalc ? ? A GLU 5  OE1 ? ? ? 1_555 B ZN . ZN ? ? A GLU 5  A ZN 101 1_555 ? ? ? ? ? ? ? 2.558 ? ? 
metalc2 metalc ? ? A GLU 5  OE2 ? ? ? 1_555 B ZN . ZN ? ? A GLU 5  A ZN 101 1_555 ? ? ? ? ? ? ? 2.005 ? ? 
metalc3 metalc ? ? A ASP 9  OD2 ? ? ? 1_555 B ZN . ZN ? ? A ASP 9  A ZN 101 1_555 ? ? ? ? ? ? ? 2.253 ? ? 
metalc4 metalc ? ? A LYS 20 NZ  ? ? ? 1_555 C ZN . ZN ? ? A LYS 20 A ZN 102 6_556 ? ? ? ? ? ? ? 2.048 ? ? 
metalc5 metalc ? ? A ASP 24 OD2 ? ? ? 1_555 C ZN . ZN ? ? A ASP 24 A ZN 102 1_555 ? ? ? ? ? ? ? 2.649 ? ? 
metalc6 metalc ? ? A ASP 28 OD2 ? ? ? 1_555 C ZN . ZN ? ? A ASP 28 A ZN 102 1_555 ? ? ? ? ? ? ? 2.032 ? ? 
metalc7 metalc ? ? A HIS 38 NE2 ? ? ? 1_555 B ZN . ZN ? ? A HIS 38 A ZN 101 6_556 ? ? ? ? ? ? ? 2.079 ? ? 
metalc8 metalc ? ? A ASP 42 OD2 ? ? ? 1_555 B ZN . ZN ? ? A ASP 42 A ZN 101 6_556 ? ? ? ? ? ? ? 2.046 ? ? 
# 
_struct_conn_type.id          metalc 
_struct_conn_type.criteria    ? 
_struct_conn_type.reference   ? 
# 
loop_
_pdbx_struct_conn_angle.id 
_pdbx_struct_conn_angle.ptnr1_label_atom_id 
_pdbx_struct_conn_angle.ptnr1_label_alt_id 
_pdbx_struct_conn_angle.ptnr1_label_asym_id 
_pdbx_struct_conn_angle.ptnr1_label_comp_id 
_pdbx_struct_conn_angle.ptnr1_label_seq_id 
_pdbx_struct_conn_angle.ptnr1_auth_atom_id 
_pdbx_struct_conn_angle.ptnr1_auth_asym_id 
_pdbx_struct_conn_angle.ptnr1_auth_comp_id 
_pdbx_struct_conn_angle.ptnr1_auth_seq_id 
_pdbx_struct_conn_angle.ptnr1_PDB_ins_code 
_pdbx_struct_conn_angle.ptnr1_symmetry 
_pdbx_struct_conn_angle.ptnr2_label_atom_id 
_pdbx_struct_conn_angle.ptnr2_label_alt_id 
_pdbx_struct_conn_angle.ptnr2_label_asym_id 
_pdbx_struct_conn_angle.ptnr2_label_comp_id 
_pdbx_struct_conn_angle.ptnr2_label_seq_id 
_pdbx_struct_conn_angle.ptnr2_auth_atom_id 
_pdbx_struct_conn_angle.ptnr2_auth_asym_id 
_pdbx_struct_conn_angle.ptnr2_auth_comp_id 
_pdbx_struct_conn_angle.ptnr2_auth_seq_id 
_pdbx_struct_conn_angle.ptnr2_PDB_ins_code 
_pdbx_struct_conn_angle.ptnr2_symmetry 
_pdbx_struct_conn_angle.ptnr3_label_atom_id 
_pdbx_struct_conn_angle.ptnr3_label_alt_id 
_pdbx_struct_conn_angle.ptnr3_label_asym_id 
_pdbx_struct_conn_angle.ptnr3_label_comp_id 
_pdbx_struct_conn_angle.ptnr3_label_seq_id 
_pdbx_struct_conn_angle.ptnr3_auth_atom_id 
_pdbx_struct_conn_angle.ptnr3_auth_asym_id 
_pdbx_struct_conn_angle.ptnr3_auth_comp_id 
_pdbx_struct_conn_angle.ptnr3_auth_seq_id 
_pdbx_struct_conn_angle.ptnr3_PDB_ins_code 
_pdbx_struct_conn_angle.ptnr3_symmetry 
_pdbx_struct_conn_angle.value 
_pdbx_struct_conn_angle.value_esd 
1  OE1 ? A GLU 5  ? A GLU 5  ? 1_555 ZN ? B ZN . ? A ZN 101 ? 1_555 OE2 ? A GLU 5  ? A GLU 5  ? 1_555 55.6  ? 
2  OE1 ? A GLU 5  ? A GLU 5  ? 1_555 ZN ? B ZN . ? A ZN 101 ? 1_555 OD2 ? A ASP 9  ? A ASP 9  ? 1_555 127.1 ? 
3  OE2 ? A GLU 5  ? A GLU 5  ? 1_555 ZN ? B ZN . ? A ZN 101 ? 1_555 OD2 ? A ASP 9  ? A ASP 9  ? 1_555 78.5  ? 
4  OE1 ? A GLU 5  ? A GLU 5  ? 1_555 ZN ? B ZN . ? A ZN 101 ? 1_555 NE2 ? A HIS 38 ? A HIS 38 ? 1_555 113.3 ? 
5  OE2 ? A GLU 5  ? A GLU 5  ? 1_555 ZN ? B ZN . ? A ZN 101 ? 1_555 NE2 ? A HIS 38 ? A HIS 38 ? 1_555 114.6 ? 
6  OD2 ? A ASP 9  ? A ASP 9  ? 1_555 ZN ? B ZN . ? A ZN 101 ? 1_555 NE2 ? A HIS 38 ? A HIS 38 ? 1_555 60.6  ? 
7  OE1 ? A GLU 5  ? A GLU 5  ? 1_555 ZN ? B ZN . ? A ZN 101 ? 1_555 OD2 ? A ASP 42 ? A ASP 42 ? 1_555 113.9 ? 
8  OE2 ? A GLU 5  ? A GLU 5  ? 1_555 ZN ? B ZN . ? A ZN 101 ? 1_555 OD2 ? A ASP 42 ? A ASP 42 ? 1_555 112.6 ? 
9  OD2 ? A ASP 9  ? A ASP 9  ? 1_555 ZN ? B ZN . ? A ZN 101 ? 1_555 OD2 ? A ASP 42 ? A ASP 42 ? 1_555 58.1  ? 
10 NE2 ? A HIS 38 ? A HIS 38 ? 1_555 ZN ? B ZN . ? A ZN 101 ? 1_555 OD2 ? A ASP 42 ? A ASP 42 ? 1_555 2.7   ? 
11 NZ  ? A LYS 20 ? A LYS 20 ? 1_555 ZN ? C ZN . ? A ZN 102 ? 6_556 OD2 ? A ASP 24 ? A ASP 24 ? 1_555 82.6  ? 
12 NZ  ? A LYS 20 ? A LYS 20 ? 1_555 ZN ? C ZN . ? A ZN 102 ? 6_556 OD2 ? A ASP 28 ? A ASP 28 ? 1_555 89.6  ? 
13 OD2 ? A ASP 24 ? A ASP 24 ? 1_555 ZN ? C ZN . ? A ZN 102 ? 6_556 OD2 ? A ASP 28 ? A ASP 28 ? 1_555 7.0   ? 
# 
loop_
_struct_site.id 
_struct_site.pdbx_evidence_code 
_struct_site.pdbx_auth_asym_id 
_struct_site.pdbx_auth_comp_id 
_struct_site.pdbx_auth_seq_id 
_struct_site.pdbx_auth_ins_code 
_struct_site.pdbx_num_residues 
_struct_site.details 
AC1 Software A ZN 101 ? 4 'binding site for residue ZN A 101' 
AC2 Software A ZN 102 ? 4 'binding site for residue ZN A 102' 
# 
loop_
_struct_site_gen.id 
_struct_site_gen.site_id 
_struct_site_gen.pdbx_num_res 
_struct_site_gen.label_comp_id 
_struct_site_gen.label_asym_id 
_struct_site_gen.label_seq_id 
_struct_site_gen.pdbx_auth_ins_code 
_struct_site_gen.auth_comp_id 
_struct_site_gen.auth_asym_id 
_struct_site_gen.auth_seq_id 
_struct_site_gen.label_atom_id 
_struct_site_gen.label_alt_id 
_struct_site_gen.symmetry 
_struct_site_gen.details 
1 AC1 4 GLU A 5  ? GLU A 5  . ? 1_555  ? 
2 AC1 4 ASP A 9  ? ASP A 9  . ? 1_555  ? 
3 AC1 4 HIS A 38 ? HIS A 38 . ? 6_556  ? 
4 AC1 4 ASP A 42 ? ASP A 42 . ? 6_556  ? 
5 AC2 4 SER A 1  ? SER A 1  . ? 14_554 ? 
6 AC2 4 LYS A 20 ? LYS A 20 . ? 6_556  ? 
7 AC2 4 ASP A 24 ? ASP A 24 . ? 1_555  ? 
8 AC2 4 ASP A 28 ? ASP A 28 . ? 1_555  ? 
# 
_pdbx_validate_torsion.id              1 
_pdbx_validate_torsion.PDB_model_num   1 
_pdbx_validate_torsion.auth_comp_id    VAL 
_pdbx_validate_torsion.auth_asym_id    A 
_pdbx_validate_torsion.auth_seq_id     47 
_pdbx_validate_torsion.PDB_ins_code    ? 
_pdbx_validate_torsion.label_alt_id    ? 
_pdbx_validate_torsion.phi             -135.94 
_pdbx_validate_torsion.psi             -39.91 
# 
_pdbx_refine_tls.id               1 
_pdbx_refine_tls.pdbx_refine_id   'X-RAY DIFFRACTION' 
_pdbx_refine_tls.details          ? 
_pdbx_refine_tls.method           refined 
_pdbx_refine_tls.origin_x         0.3649 
_pdbx_refine_tls.origin_y         0.5762 
_pdbx_refine_tls.origin_z         -0.2794 
_pdbx_refine_tls.T[1][1]          0.4416 
_pdbx_refine_tls.T[1][1]_esd      ? 
_pdbx_refine_tls.T[1][2]          -0.0238 
_pdbx_refine_tls.T[1][2]_esd      ? 
_pdbx_refine_tls.T[1][3]          -0.0161 
_pdbx_refine_tls.T[1][3]_esd      ? 
_pdbx_refine_tls.T[2][2]          0.6745 
_pdbx_refine_tls.T[2][2]_esd      ? 
_pdbx_refine_tls.T[2][3]          0.0470 
_pdbx_refine_tls.T[2][3]_esd      ? 
_pdbx_refine_tls.T[3][3]          0.5381 
_pdbx_refine_tls.T[3][3]_esd      ? 
_pdbx_refine_tls.L[1][1]          0.6172 
_pdbx_refine_tls.L[1][1]_esd      ? 
_pdbx_refine_tls.L[1][2]          -0.3877 
_pdbx_refine_tls.L[1][2]_esd      ? 
_pdbx_refine_tls.L[1][3]          0.2944 
_pdbx_refine_tls.L[1][3]_esd      ? 
_pdbx_refine_tls.L[2][2]          3.4815 
_pdbx_refine_tls.L[2][2]_esd      ? 
_pdbx_refine_tls.L[2][3]          -0.8294 
_pdbx_refine_tls.L[2][3]_esd      ? 
_pdbx_refine_tls.L[3][3]          1.1922 
_pdbx_refine_tls.L[3][3]_esd      ? 
_pdbx_refine_tls.S[1][1]          0.1088 
_pdbx_refine_tls.S[1][1]_esd      ? 
_pdbx_refine_tls.S[1][2]          -0.0887 
_pdbx_refine_tls.S[1][2]_esd      ? 
_pdbx_refine_tls.S[1][3]          -0.0741 
_pdbx_refine_tls.S[1][3]_esd      ? 
_pdbx_refine_tls.S[2][1]          0.4277 
_pdbx_refine_tls.S[2][1]_esd      ? 
_pdbx_refine_tls.S[2][2]          -0.7660 
_pdbx_refine_tls.S[2][2]_esd      ? 
_pdbx_refine_tls.S[2][3]          -0.4890 
_pdbx_refine_tls.S[2][3]_esd      ? 
_pdbx_refine_tls.S[3][1]          -0.5568 
_pdbx_refine_tls.S[3][1]_esd      ? 
_pdbx_refine_tls.S[3][2]          1.3176 
_pdbx_refine_tls.S[3][2]_esd      ? 
_pdbx_refine_tls.S[3][3]          0.6100 
_pdbx_refine_tls.S[3][3]_esd      ? 
# 
_pdbx_refine_tls_group.id                  1 
_pdbx_refine_tls_group.pdbx_refine_id      'X-RAY DIFFRACTION' 
_pdbx_refine_tls_group.refine_tls_id       1 
_pdbx_refine_tls_group.beg_label_asym_id   ? 
_pdbx_refine_tls_group.beg_label_seq_id    ? 
_pdbx_refine_tls_group.beg_auth_asym_id    A 
_pdbx_refine_tls_group.beg_auth_seq_id     1 
_pdbx_refine_tls_group.end_label_asym_id   ? 
_pdbx_refine_tls_group.end_label_seq_id    ? 
_pdbx_refine_tls_group.end_auth_asym_id    A 
_pdbx_refine_tls_group.end_auth_seq_id     48 
_pdbx_refine_tls_group.selection           ? 
_pdbx_refine_tls_group.selection_details   
;chain 'A' and (resid 1 through 48 )
;
# 
_pdbx_entry_details.entry_id                 6SHK 
_pdbx_entry_details.has_ligand_of_interest   Y 
_pdbx_entry_details.compound_details         ? 
_pdbx_entry_details.source_details           ? 
_pdbx_entry_details.nonpolymer_details       ? 
_pdbx_entry_details.sequence_details         ? 
# 
loop_
_chem_comp_atom.comp_id 
_chem_comp_atom.atom_id 
_chem_comp_atom.type_symbol 
_chem_comp_atom.pdbx_aromatic_flag 
_chem_comp_atom.pdbx_stereo_config 
_chem_comp_atom.pdbx_ordinal 
ALA N    N  N N 1   
ALA CA   C  N S 2   
ALA C    C  N N 3   
ALA O    O  N N 4   
ALA CB   C  N N 5   
ALA OXT  O  N N 6   
ALA H    H  N N 7   
ALA H2   H  N N 8   
ALA HA   H  N N 9   
ALA HB1  H  N N 10  
ALA HB2  H  N N 11  
ALA HB3  H  N N 12  
ALA HXT  H  N N 13  
ASP N    N  N N 14  
ASP CA   C  N S 15  
ASP C    C  N N 16  
ASP O    O  N N 17  
ASP CB   C  N N 18  
ASP CG   C  N N 19  
ASP OD1  O  N N 20  
ASP OD2  O  N N 21  
ASP OXT  O  N N 22  
ASP H    H  N N 23  
ASP H2   H  N N 24  
ASP HA   H  N N 25  
ASP HB2  H  N N 26  
ASP HB3  H  N N 27  
ASP HD2  H  N N 28  
ASP HXT  H  N N 29  
GLU N    N  N N 30  
GLU CA   C  N S 31  
GLU C    C  N N 32  
GLU O    O  N N 33  
GLU CB   C  N N 34  
GLU CG   C  N N 35  
GLU CD   C  N N 36  
GLU OE1  O  N N 37  
GLU OE2  O  N N 38  
GLU OXT  O  N N 39  
GLU H    H  N N 40  
GLU H2   H  N N 41  
GLU HA   H  N N 42  
GLU HB2  H  N N 43  
GLU HB3  H  N N 44  
GLU HG2  H  N N 45  
GLU HG3  H  N N 46  
GLU HE2  H  N N 47  
GLU HXT  H  N N 48  
GLY N    N  N N 49  
GLY CA   C  N N 50  
GLY C    C  N N 51  
GLY O    O  N N 52  
GLY OXT  O  N N 53  
GLY H    H  N N 54  
GLY H2   H  N N 55  
GLY HA2  H  N N 56  
GLY HA3  H  N N 57  
GLY HXT  H  N N 58  
HIS N    N  N N 59  
HIS CA   C  N S 60  
HIS C    C  N N 61  
HIS O    O  N N 62  
HIS CB   C  N N 63  
HIS CG   C  Y N 64  
HIS ND1  N  Y N 65  
HIS CD2  C  Y N 66  
HIS CE1  C  Y N 67  
HIS NE2  N  Y N 68  
HIS OXT  O  N N 69  
HIS H    H  N N 70  
HIS H2   H  N N 71  
HIS HA   H  N N 72  
HIS HB2  H  N N 73  
HIS HB3  H  N N 74  
HIS HD1  H  N N 75  
HIS HD2  H  N N 76  
HIS HE1  H  N N 77  
HIS HE2  H  N N 78  
HIS HXT  H  N N 79  
LEU N    N  N N 80  
LEU CA   C  N S 81  
LEU C    C  N N 82  
LEU O    O  N N 83  
LEU CB   C  N N 84  
LEU CG   C  N N 85  
LEU CD1  C  N N 86  
LEU CD2  C  N N 87  
LEU OXT  O  N N 88  
LEU H    H  N N 89  
LEU H2   H  N N 90  
LEU HA   H  N N 91  
LEU HB2  H  N N 92  
LEU HB3  H  N N 93  
LEU HG   H  N N 94  
LEU HD11 H  N N 95  
LEU HD12 H  N N 96  
LEU HD13 H  N N 97  
LEU HD21 H  N N 98  
LEU HD22 H  N N 99  
LEU HD23 H  N N 100 
LEU HXT  H  N N 101 
LYS N    N  N N 102 
LYS CA   C  N S 103 
LYS C    C  N N 104 
LYS O    O  N N 105 
LYS CB   C  N N 106 
LYS CG   C  N N 107 
LYS CD   C  N N 108 
LYS CE   C  N N 109 
LYS NZ   N  N N 110 
LYS OXT  O  N N 111 
LYS H    H  N N 112 
LYS H2   H  N N 113 
LYS HA   H  N N 114 
LYS HB2  H  N N 115 
LYS HB3  H  N N 116 
LYS HG2  H  N N 117 
LYS HG3  H  N N 118 
LYS HD2  H  N N 119 
LYS HD3  H  N N 120 
LYS HE2  H  N N 121 
LYS HE3  H  N N 122 
LYS HZ1  H  N N 123 
LYS HZ2  H  N N 124 
LYS HZ3  H  N N 125 
LYS HXT  H  N N 126 
SER N    N  N N 127 
SER CA   C  N S 128 
SER C    C  N N 129 
SER O    O  N N 130 
SER CB   C  N N 131 
SER OG   O  N N 132 
SER OXT  O  N N 133 
SER H    H  N N 134 
SER H2   H  N N 135 
SER HA   H  N N 136 
SER HB2  H  N N 137 
SER HB3  H  N N 138 
SER HG   H  N N 139 
SER HXT  H  N N 140 
VAL N    N  N N 141 
VAL CA   C  N S 142 
VAL C    C  N N 143 
VAL O    O  N N 144 
VAL CB   C  N N 145 
VAL CG1  C  N N 146 
VAL CG2  C  N N 147 
VAL OXT  O  N N 148 
VAL H    H  N N 149 
VAL H2   H  N N 150 
VAL HA   H  N N 151 
VAL HB   H  N N 152 
VAL HG11 H  N N 153 
VAL HG12 H  N N 154 
VAL HG13 H  N N 155 
VAL HG21 H  N N 156 
VAL HG22 H  N N 157 
VAL HG23 H  N N 158 
VAL HXT  H  N N 159 
ZN  ZN   ZN N N 160 
# 
loop_
_chem_comp_bond.comp_id 
_chem_comp_bond.atom_id_1 
_chem_comp_bond.atom_id_2 
_chem_comp_bond.value_order 
_chem_comp_bond.pdbx_aromatic_flag 
_chem_comp_bond.pdbx_stereo_config 
_chem_comp_bond.pdbx_ordinal 
ALA N   CA   sing N N 1   
ALA N   H    sing N N 2   
ALA N   H2   sing N N 3   
ALA CA  C    sing N N 4   
ALA CA  CB   sing N N 5   
ALA CA  HA   sing N N 6   
ALA C   O    doub N N 7   
ALA C   OXT  sing N N 8   
ALA CB  HB1  sing N N 9   
ALA CB  HB2  sing N N 10  
ALA CB  HB3  sing N N 11  
ALA OXT HXT  sing N N 12  
ASP N   CA   sing N N 13  
ASP N   H    sing N N 14  
ASP N   H2   sing N N 15  
ASP CA  C    sing N N 16  
ASP CA  CB   sing N N 17  
ASP CA  HA   sing N N 18  
ASP C   O    doub N N 19  
ASP C   OXT  sing N N 20  
ASP CB  CG   sing N N 21  
ASP CB  HB2  sing N N 22  
ASP CB  HB3  sing N N 23  
ASP CG  OD1  doub N N 24  
ASP CG  OD2  sing N N 25  
ASP OD2 HD2  sing N N 26  
ASP OXT HXT  sing N N 27  
GLU N   CA   sing N N 28  
GLU N   H    sing N N 29  
GLU N   H2   sing N N 30  
GLU CA  C    sing N N 31  
GLU CA  CB   sing N N 32  
GLU CA  HA   sing N N 33  
GLU C   O    doub N N 34  
GLU C   OXT  sing N N 35  
GLU CB  CG   sing N N 36  
GLU CB  HB2  sing N N 37  
GLU CB  HB3  sing N N 38  
GLU CG  CD   sing N N 39  
GLU CG  HG2  sing N N 40  
GLU CG  HG3  sing N N 41  
GLU CD  OE1  doub N N 42  
GLU CD  OE2  sing N N 43  
GLU OE2 HE2  sing N N 44  
GLU OXT HXT  sing N N 45  
GLY N   CA   sing N N 46  
GLY N   H    sing N N 47  
GLY N   H2   sing N N 48  
GLY CA  C    sing N N 49  
GLY CA  HA2  sing N N 50  
GLY CA  HA3  sing N N 51  
GLY C   O    doub N N 52  
GLY C   OXT  sing N N 53  
GLY OXT HXT  sing N N 54  
HIS N   CA   sing N N 55  
HIS N   H    sing N N 56  
HIS N   H2   sing N N 57  
HIS CA  C    sing N N 58  
HIS CA  CB   sing N N 59  
HIS CA  HA   sing N N 60  
HIS C   O    doub N N 61  
HIS C   OXT  sing N N 62  
HIS CB  CG   sing N N 63  
HIS CB  HB2  sing N N 64  
HIS CB  HB3  sing N N 65  
HIS CG  ND1  sing Y N 66  
HIS CG  CD2  doub Y N 67  
HIS ND1 CE1  doub Y N 68  
HIS ND1 HD1  sing N N 69  
HIS CD2 NE2  sing Y N 70  
HIS CD2 HD2  sing N N 71  
HIS CE1 NE2  sing Y N 72  
HIS CE1 HE1  sing N N 73  
HIS NE2 HE2  sing N N 74  
HIS OXT HXT  sing N N 75  
LEU N   CA   sing N N 76  
LEU N   H    sing N N 77  
LEU N   H2   sing N N 78  
LEU CA  C    sing N N 79  
LEU CA  CB   sing N N 80  
LEU CA  HA   sing N N 81  
LEU C   O    doub N N 82  
LEU C   OXT  sing N N 83  
LEU CB  CG   sing N N 84  
LEU CB  HB2  sing N N 85  
LEU CB  HB3  sing N N 86  
LEU CG  CD1  sing N N 87  
LEU CG  CD2  sing N N 88  
LEU CG  HG   sing N N 89  
LEU CD1 HD11 sing N N 90  
LEU CD1 HD12 sing N N 91  
LEU CD1 HD13 sing N N 92  
LEU CD2 HD21 sing N N 93  
LEU CD2 HD22 sing N N 94  
LEU CD2 HD23 sing N N 95  
LEU OXT HXT  sing N N 96  
LYS N   CA   sing N N 97  
LYS N   H    sing N N 98  
LYS N   H2   sing N N 99  
LYS CA  C    sing N N 100 
LYS CA  CB   sing N N 101 
LYS CA  HA   sing N N 102 
LYS C   O    doub N N 103 
LYS C   OXT  sing N N 104 
LYS CB  CG   sing N N 105 
LYS CB  HB2  sing N N 106 
LYS CB  HB3  sing N N 107 
LYS CG  CD   sing N N 108 
LYS CG  HG2  sing N N 109 
LYS CG  HG3  sing N N 110 
LYS CD  CE   sing N N 111 
LYS CD  HD2  sing N N 112 
LYS CD  HD3  sing N N 113 
LYS CE  NZ   sing N N 114 
LYS CE  HE2  sing N N 115 
LYS CE  HE3  sing N N 116 
LYS NZ  HZ1  sing N N 117 
LYS NZ  HZ2  sing N N 118 
LYS NZ  HZ3  sing N N 119 
LYS OXT HXT  sing N N 120 
SER N   CA   sing N N 121 
SER N   H    sing N N 122 
SER N   H2   sing N N 123 
SER CA  C    sing N N 124 
SER CA  CB   sing N N 125 
SER CA  HA   sing N N 126 
SER C   O    doub N N 127 
SER C   OXT  sing N N 128 
SER CB  OG   sing N N 129 
SER CB  HB2  sing N N 130 
SER CB  HB3  sing N N 131 
SER OG  HG   sing N N 132 
SER OXT HXT  sing N N 133 
VAL N   CA   sing N N 134 
VAL N   H    sing N N 135 
VAL N   H2   sing N N 136 
VAL CA  C    sing N N 137 
VAL CA  CB   sing N N 138 
VAL CA  HA   sing N N 139 
VAL C   O    doub N N 140 
VAL C   OXT  sing N N 141 
VAL CB  CG1  sing N N 142 
VAL CB  CG2  sing N N 143 
VAL CB  HB   sing N N 144 
VAL CG1 HG11 sing N N 145 
VAL CG1 HG12 sing N N 146 
VAL CG1 HG13 sing N N 147 
VAL CG2 HG21 sing N N 148 
VAL CG2 HG22 sing N N 149 
VAL CG2 HG23 sing N N 150 
VAL OXT HXT  sing N N 151 
# 
_pdbx_entity_instance_feature.ordinal        1 
_pdbx_entity_instance_feature.comp_id        ZN 
_pdbx_entity_instance_feature.asym_id        ? 
_pdbx_entity_instance_feature.seq_num        ? 
_pdbx_entity_instance_feature.auth_comp_id   ZN 
_pdbx_entity_instance_feature.auth_asym_id   ? 
_pdbx_entity_instance_feature.auth_seq_num   ? 
_pdbx_entity_instance_feature.feature_type   'SUBJECT OF INVESTIGATION' 
_pdbx_entity_instance_feature.details        ? 
# 
_atom_sites.entry_id                    6SHK 
_atom_sites.Cartn_transf_matrix[1][1]   ? 
_atom_sites.Cartn_transf_matrix[1][2]   ? 
_atom_sites.Cartn_transf_matrix[1][3]   ? 
_atom_sites.Cartn_transf_matrix[2][1]   ? 
_atom_sites.Cartn_transf_matrix[2][2]   ? 
_atom_sites.Cartn_transf_matrix[2][3]   ? 
_atom_sites.Cartn_transf_matrix[3][1]   ? 
_atom_sites.Cartn_transf_matrix[3][2]   ? 
_atom_sites.Cartn_transf_matrix[3][3]   ? 
_atom_sites.Cartn_transf_vector[1]      ? 
_atom_sites.Cartn_transf_vector[2]      ? 
_atom_sites.Cartn_transf_vector[3]      ? 
_atom_sites.fract_transf_matrix[1][1]   -0.02218713 
_atom_sites.fract_transf_matrix[1][2]   -0.00069408 
_atom_sites.fract_transf_matrix[1][3]   -0.00497692 
_atom_sites.fract_transf_matrix[2][1]   -0.00844023 
_atom_sites.fract_transf_matrix[2][2]   -0.01742972 
_atom_sites.fract_transf_matrix[2][3]   -0.01193668 
_atom_sites.fract_transf_matrix[3][1]   -0.00165351 
_atom_sites.fract_transf_matrix[3][2]   -0.00469606 
_atom_sites.fract_transf_matrix[3][3]   0.00802627 
_atom_sites.fract_transf_vector[1]      0.130345 
_atom_sites.fract_transf_vector[2]      0.243129 
_atom_sites.fract_transf_vector[3]      0.482584 
_atom_sites.solution_primary            ? 
_atom_sites.solution_secondary          ? 
_atom_sites.solution_hydrogens          ? 
_atom_sites.special_details             ? 
# 
loop_
_atom_type.symbol 
C  
N  
O  
ZN 
# 
loop_
_atom_site.group_PDB 
_atom_site.id 
_atom_site.type_symbol 
_atom_site.label_atom_id 
_atom_site.label_alt_id 
_atom_site.label_comp_id 
_atom_site.label_asym_id 
_atom_site.label_entity_id 
_atom_site.label_seq_id 
_atom_site.pdbx_PDB_ins_code 
_atom_site.Cartn_x 
_atom_site.Cartn_y 
_atom_site.Cartn_z 
_atom_site.occupancy 
_atom_site.B_iso_or_equiv 
_atom_site.pdbx_formal_charge 
_atom_site.auth_seq_id 
_atom_site.auth_comp_id 
_atom_site.auth_asym_id 
_atom_site.auth_atom_id 
_atom_site.pdbx_PDB_model_num 
ATOM   1   N  N   . SER A 1 1  ? 2.508  -22.036 28.569  1.00 86.21  ? 1   SER A N   1 
ATOM   2   C  CA  . SER A 1 1  ? 1.945  -20.706 28.353  1.00 106.25 ? 1   SER A CA  1 
ATOM   3   C  C   . SER A 1 1  ? 0.579  -20.811 27.671  1.00 119.50 ? 1   SER A C   1 
ATOM   4   O  O   . SER A 1 1  ? 0.269  -21.818 27.035  1.00 123.53 ? 1   SER A O   1 
ATOM   5   C  CB  . SER A 1 1  ? 2.896  -19.831 27.523  1.00 123.13 ? 1   SER A CB  1 
ATOM   6   O  OG  . SER A 1 1  ? 2.753  -20.048 26.125  1.00 123.41 ? 1   SER A OG  1 
ATOM   7   N  N   . SER A 1 2  ? -0.222 -19.753 27.788  1.00 115.78 ? 2   SER A N   1 
ATOM   8   C  CA  . SER A 1 2  ? -1.636 -19.829 27.437  1.00 104.54 ? 2   SER A CA  1 
ATOM   9   C  C   . SER A 1 2  ? -1.850 -19.828 25.927  1.00 104.11 ? 2   SER A C   1 
ATOM   10  O  O   . SER A 1 2  ? -1.312 -18.978 25.209  1.00 94.80  ? 2   SER A O   1 
ATOM   11  C  CB  . SER A 1 2  ? -2.392 -18.661 28.069  1.00 104.37 ? 2   SER A CB  1 
ATOM   12  O  OG  . SER A 1 2  ? -3.656 -18.470 27.458  1.00 95.44  ? 2   SER A OG  1 
ATOM   13  N  N   . LEU A 1 3  ? -2.665 -20.773 25.448  1.00 104.47 ? 3   LEU A N   1 
ATOM   14  C  CA  . LEU A 1 3  ? -3.094 -20.739 24.054  1.00 90.80  ? 3   LEU A CA  1 
ATOM   15  C  C   . LEU A 1 3  ? -3.886 -19.478 23.752  1.00 85.25  ? 3   LEU A C   1 
ATOM   16  O  O   . LEU A 1 3  ? -3.822 -18.962 22.630  1.00 93.67  ? 3   LEU A O   1 
ATOM   17  C  CB  . LEU A 1 3  ? -3.948 -21.964 23.719  1.00 79.44  ? 3   LEU A CB  1 
ATOM   18  C  CG  . LEU A 1 3  ? -3.329 -23.348 23.489  1.00 95.85  ? 3   LEU A CG  1 
ATOM   19  C  CD1 . LEU A 1 3  ? -2.674 -23.928 24.748  1.00 99.89  ? 3   LEU A CD1 1 
ATOM   20  C  CD2 . LEU A 1 3  ? -4.398 -24.294 22.947  1.00 91.65  ? 3   LEU A CD2 1 
ATOM   21  N  N   . LEU A 1 4  ? -4.639 -18.979 24.740  1.00 83.24  ? 4   LEU A N   1 
ATOM   22  C  CA  . LEU A 1 4  ? -5.564 -17.858 24.586  1.00 84.68  ? 4   LEU A CA  1 
ATOM   23  C  C   . LEU A 1 4  ? -4.875 -16.556 24.192  1.00 90.30  ? 4   LEU A C   1 
ATOM   24  O  O   . LEU A 1 4  ? -5.225 -15.952 23.173  1.00 57.30  ? 4   LEU A O   1 
ATOM   25  C  CB  . LEU A 1 4  ? -6.342 -17.635 25.880  1.00 79.12  ? 4   LEU A CB  1 
ATOM   26  C  CG  . LEU A 1 4  ? -7.793 -18.083 25.947  1.00 82.47  ? 4   LEU A CG  1 
ATOM   27  C  CD1 . LEU A 1 4  ? -8.309 -17.940 27.374  1.00 99.94  ? 4   LEU A CD1 1 
ATOM   28  C  CD2 . LEU A 1 4  ? -8.619 -17.258 24.985  1.00 83.67  ? 4   LEU A CD2 1 
ATOM   29  N  N   . GLU A 1 5  ? -3.938 -16.076 25.016  1.00 87.54  ? 5   GLU A N   1 
ATOM   30  C  CA  . GLU A 1 5  ? -3.210 -14.874 24.628  1.00 88.59  ? 5   GLU A CA  1 
ATOM   31  C  C   . GLU A 1 5  ? -2.375 -15.141 23.390  1.00 75.40  ? 5   GLU A C   1 
ATOM   32  O  O   . GLU A 1 5  ? -2.168 -14.238 22.574  1.00 66.67  ? 5   GLU A O   1 
ATOM   33  C  CB  . GLU A 1 5  ? -2.335 -14.362 25.775  1.00 93.69  ? 5   GLU A CB  1 
ATOM   34  C  CG  . GLU A 1 5  ? -2.399 -12.835 25.990  1.00 103.59 ? 5   GLU A CG  1 
ATOM   35  C  CD  . GLU A 1 5  ? -1.402 -12.050 25.146  1.00 112.48 ? 5   GLU A CD  1 
ATOM   36  O  OE1 . GLU A 1 5  ? -1.168 -10.857 25.438  1.00 118.38 ? 5   GLU A OE1 1 
ATOM   37  O  OE2 . GLU A 1 5  ? -0.845 -12.626 24.197  1.00 119.62 ? 5   GLU A OE2 1 
ATOM   38  N  N   . LYS A 1 6  ? -1.892 -16.375 23.235  1.00 77.38  ? 6   LYS A N   1 
ATOM   39  C  CA  . LYS A 1 6  ? -1.229 -16.747 21.996  1.00 72.25  ? 6   LYS A CA  1 
ATOM   40  C  C   . LYS A 1 6  ? -2.149 -16.541 20.807  1.00 72.07  ? 6   LYS A C   1 
ATOM   41  O  O   . LYS A 1 6  ? -1.715 -16.051 19.760  1.00 71.01  ? 6   LYS A O   1 
ATOM   42  C  CB  . LYS A 1 6  ? -0.753 -18.198 22.077  1.00 99.34  ? 6   LYS A CB  1 
ATOM   43  C  CG  . LYS A 1 6  ? -0.193 -18.748 20.770  1.00 118.58 ? 6   LYS A CG  1 
ATOM   44  C  CD  . LYS A 1 6  ? 0.686  -19.965 21.022  1.00 128.01 ? 6   LYS A CD  1 
ATOM   45  C  CE  . LYS A 1 6  ? 1.972  -19.569 21.740  1.00 136.11 ? 6   LYS A CE  1 
ATOM   46  N  NZ  . LYS A 1 6  ? 2.897  -20.719 21.954  1.00 140.79 ? 6   LYS A NZ  1 
ATOM   47  N  N   . GLY A 1 7  ? -3.429 -16.872 20.955  1.00 81.88  ? 7   GLY A N   1 
ATOM   48  C  CA  . GLY A 1 7  ? -4.348 -16.688 19.846  1.00 59.61  ? 7   GLY A CA  1 
ATOM   49  C  C   . GLY A 1 7  ? -4.620 -15.226 19.559  1.00 53.48  ? 7   GLY A C   1 
ATOM   50  O  O   . GLY A 1 7  ? -4.674 -14.807 18.399  1.00 66.53  ? 7   GLY A O   1 
ATOM   51  N  N   . LEU A 1 8  ? -4.815 -14.426 20.607  1.00 67.92  ? 8   LEU A N   1 
ATOM   52  C  CA  . LEU A 1 8  ? -5.057 -13.006 20.368  1.00 76.46  ? 8   LEU A CA  1 
ATOM   53  C  C   . LEU A 1 8  ? -3.851 -12.347 19.715  1.00 67.95  ? 8   LEU A C   1 
ATOM   54  O  O   . LEU A 1 8  ? -4.001 -11.392 18.940  1.00 63.46  ? 8   LEU A O   1 
ATOM   55  C  CB  . LEU A 1 8  ? -5.410 -12.311 21.675  1.00 74.90  ? 8   LEU A CB  1 
ATOM   56  C  CG  . LEU A 1 8  ? -6.571 -12.970 22.421  1.00 88.57  ? 8   LEU A CG  1 
ATOM   57  C  CD1 . LEU A 1 8  ? -6.879 -12.175 23.658  1.00 97.58  ? 8   LEU A CD1 1 
ATOM   58  C  CD2 . LEU A 1 8  ? -7.800 -13.093 21.528  1.00 99.87  ? 8   LEU A CD2 1 
ATOM   59  N  N   . ASP A 1 9  ? -2.643 -12.825 20.036  1.00 72.46  ? 9   ASP A N   1 
ATOM   60  C  CA  . ASP A 1 9  ? -1.447 -12.343 19.350  1.00 79.82  ? 9   ASP A CA  1 
ATOM   61  C  C   . ASP A 1 9  ? -1.466 -12.753 17.883  1.00 61.51  ? 9   ASP A C   1 
ATOM   62  O  O   . ASP A 1 9  ? -1.100 -11.966 17.001  1.00 71.99  ? 9   ASP A O   1 
ATOM   63  C  CB  . ASP A 1 9  ? -0.188 -12.868 20.048  1.00 79.13  ? 9   ASP A CB  1 
ATOM   64  C  CG  . ASP A 1 9  ? 0.068  -12.203 21.401  1.00 86.23  ? 9   ASP A CG  1 
ATOM   65  O  OD1 . ASP A 1 9  ? -0.589 -11.183 21.709  1.00 73.01  ? 9   ASP A OD1 1 
ATOM   66  O  OD2 . ASP A 1 9  ? 0.929  -12.712 22.163  1.00 84.12  ? 9   ASP A OD2 1 
ATOM   67  N  N   . GLY A 1 10 ? -1.890 -13.988 17.605  1.00 60.32  ? 10  GLY A N   1 
ATOM   68  C  CA  . GLY A 1 10 ? -2.137 -14.374 16.227  1.00 69.09  ? 10  GLY A CA  1 
ATOM   69  C  C   . GLY A 1 10 ? -3.033 -13.385 15.510  1.00 71.31  ? 10  GLY A C   1 
ATOM   70  O  O   . GLY A 1 10 ? -2.719 -12.930 14.407  1.00 85.27  ? 10  GLY A O   1 
ATOM   71  N  N   . ALA A 1 11 ? -4.153 -13.020 16.140  1.00 56.46  ? 11  ALA A N   1 
ATOM   72  C  CA  . ALA A 1 11 ? -5.054 -12.036 15.550  1.00 56.43  ? 11  ALA A CA  1 
ATOM   73  C  C   . ALA A 1 11 ? -4.360 -10.689 15.384  1.00 74.80  ? 11  ALA A C   1 
ATOM   74  O  O   . ALA A 1 11 ? -4.397 -10.088 14.300  1.00 65.45  ? 11  ALA A O   1 
ATOM   75  C  CB  . ALA A 1 11 ? -6.307 -11.890 16.411  1.00 51.33  ? 11  ALA A CB  1 
ATOM   76  N  N   . LYS A 1 12 ? -3.721 -10.203 16.454  1.00 61.40  ? 12  LYS A N   1 
ATOM   77  C  CA  . LYS A 1 12 ? -3.043 -8.913  16.404  1.00 56.79  ? 12  LYS A CA  1 
ATOM   78  C  C   . LYS A 1 12 ? -2.045 -8.865  15.255  1.00 75.12  ? 12  LYS A C   1 
ATOM   79  O  O   . LYS A 1 12 ? -2.042 -7.917  14.460  1.00 64.25  ? 12  LYS A O   1 
ATOM   80  C  CB  . LYS A 1 12 ? -2.333 -8.624  17.719  1.00 53.84  ? 12  LYS A CB  1 
ATOM   81  C  CG  . LYS A 1 12 ? -2.169 -7.152  18.029  1.00 75.85  ? 12  LYS A CG  1 
ATOM   82  C  CD  . LYS A 1 12 ? -1.701 -6.913  19.455  1.00 74.47  ? 12  LYS A CD  1 
ATOM   83  C  CE  . LYS A 1 12 ? -2.563 -5.873  20.176  1.00 80.93  ? 12  LYS A CE  1 
ATOM   84  N  NZ  . LYS A 1 12 ? -2.078 -5.589  21.570  1.00 89.44  ? 12  LYS A NZ  1 
ATOM   85  N  N   . LYS A 1 13 ? -1.171 -9.876  15.170  1.00 67.96  ? 13  LYS A N   1 
ATOM   86  C  CA  . LYS A 1 13 ? -0.151 -9.882  14.127  1.00 65.11  ? 13  LYS A CA  1 
ATOM   87  C  C   . LYS A 1 13 ? -0.792 -9.902  12.746  1.00 63.48  ? 13  LYS A C   1 
ATOM   88  O  O   . LYS A 1 13 ? -0.408 -9.127  11.865  1.00 56.81  ? 13  LYS A O   1 
ATOM   89  C  CB  . LYS A 1 13 ? 0.808  -11.066 14.318  1.00 77.98  ? 13  LYS A CB  1 
ATOM   90  C  CG  . LYS A 1 13 ? 1.620  -11.031 15.640  1.00 92.87  ? 13  LYS A CG  1 
ATOM   91  C  CD  . LYS A 1 13 ? 2.791  -12.038 15.672  1.00 95.53  ? 13  LYS A CD  1 
ATOM   92  C  CE  . LYS A 1 13 ? 3.650  -11.896 16.943  1.00 95.49  ? 13  LYS A CE  1 
ATOM   93  N  NZ  . LYS A 1 13 ? 4.730  -12.935 17.102  1.00 97.61  ? 13  LYS A NZ  1 
ATOM   94  N  N   . ALA A 1 14 ? -1.808 -10.750 12.558  1.00 69.77  ? 14  ALA A N   1 
ATOM   95  C  CA  . ALA A 1 14 ? -2.538 -10.759 11.294  1.00 68.93  ? 14  ALA A CA  1 
ATOM   96  C  C   . ALA A 1 14 ? -3.132 -9.395  10.984  1.00 81.14  ? 14  ALA A C   1 
ATOM   97  O  O   . ALA A 1 14 ? -3.109 -8.951  9.828   1.00 93.84  ? 14  ALA A O   1 
ATOM   98  C  CB  . ALA A 1 14 ? -3.637 -11.816 11.321  1.00 75.01  ? 14  ALA A CB  1 
ATOM   99  N  N   . VAL A 1 15 ? -3.683 -8.713  11.991  1.00 54.18  ? 15  VAL A N   1 
ATOM   100 C  CA  . VAL A 1 15 ? -4.232 -7.390  11.719  1.00 60.14  ? 15  VAL A CA  1 
ATOM   101 C  C   . VAL A 1 15 ? -3.128 -6.444  11.250  1.00 58.95  ? 15  VAL A C   1 
ATOM   102 O  O   . VAL A 1 15 ? -3.267 -5.759  10.232  1.00 50.33  ? 15  VAL A O   1 
ATOM   103 C  CB  . VAL A 1 15 ? -4.960 -6.838  12.948  1.00 60.57  ? 15  VAL A CB  1 
ATOM   104 C  CG1 . VAL A 1 15 ? -5.376 -5.417  12.663  1.00 54.76  ? 15  VAL A CG1 1 
ATOM   105 C  CG2 . VAL A 1 15 ? -6.178 -7.730  13.295  1.00 52.22  ? 15  VAL A CG2 1 
ATOM   106 N  N   . GLY A 1 16 ? -2.015 -6.402  11.988  1.00 70.15  ? 16  GLY A N   1 
ATOM   107 C  CA  . GLY A 1 16 ? -0.886 -5.591  11.562  1.00 62.66  ? 16  GLY A CA  1 
ATOM   108 C  C   . GLY A 1 16 ? -0.423 -5.913  10.150  1.00 73.75  ? 16  GLY A C   1 
ATOM   109 O  O   . GLY A 1 16 ? -0.211 -5.009  9.338   1.00 55.03  ? 16  GLY A O   1 
ATOM   110 N  N   . GLY A 1 17 ? -0.257 -7.204  9.845   1.00 56.51  ? 17  GLY A N   1 
ATOM   111 C  CA  . GLY A 1 17 ? 0.134  -7.600  8.504   1.00 62.47  ? 17  GLY A CA  1 
ATOM   112 C  C   . GLY A 1 17 ? -0.814 -7.084  7.436   1.00 74.58  ? 17  GLY A C   1 
ATOM   113 O  O   . GLY A 1 17 ? -0.381 -6.612  6.380   1.00 82.96  ? 17  GLY A O   1 
ATOM   114 N  N   . LEU A 1 18 ? -2.121 -7.157  7.696   1.00 68.48  ? 18  LEU A N   1 
ATOM   115 C  CA  . LEU A 1 18 ? -3.079 -6.624  6.735   1.00 68.16  ? 18  LEU A CA  1 
ATOM   116 C  C   . LEU A 1 18 ? -2.925 -5.118  6.583   1.00 80.77  ? 18  LEU A C   1 
ATOM   117 O  O   . LEU A 1 18 ? -2.972 -4.595  5.462   1.00 70.40  ? 18  LEU A O   1 
ATOM   118 C  CB  . LEU A 1 18 ? -4.504 -6.968  7.150   1.00 68.79  ? 18  LEU A CB  1 
ATOM   119 C  CG  . LEU A 1 18 ? -4.894 -8.440  7.072   1.00 66.90  ? 18  LEU A CG  1 
ATOM   120 C  CD1 . LEU A 1 18 ? -6.369 -8.604  7.351   1.00 65.52  ? 18  LEU A CD1 1 
ATOM   121 C  CD2 . LEU A 1 18 ? -4.545 -8.971  5.714   1.00 63.58  ? 18  LEU A CD2 1 
ATOM   122 N  N   . GLY A 1 19 ? -2.762 -4.400  7.700   1.00 61.71  ? 19  GLY A N   1 
ATOM   123 C  CA  . GLY A 1 19 ? -2.474 -2.978  7.628   1.00 56.56  ? 19  GLY A CA  1 
ATOM   124 C  C   . GLY A 1 19 ? -1.237 -2.673  6.807   1.00 66.01  ? 19  GLY A C   1 
ATOM   125 O  O   . GLY A 1 19 ? -1.254 -1.766  5.964   1.00 63.34  ? 19  GLY A O   1 
ATOM   126 N  N   . LYS A 1 20 ? -0.164 -3.442  7.012   1.00 52.05  ? 20  LYS A N   1 
ATOM   127 C  CA  . LYS A 1 20 ? 1.017  -3.331  6.154   1.00 68.24  ? 20  LYS A CA  1 
ATOM   128 C  C   . LYS A 1 20 ? 0.655  -3.526  4.681   1.00 54.63  ? 20  LYS A C   1 
ATOM   129 O  O   . LYS A 1 20 ? 0.874  -2.634  3.853   1.00 66.32  ? 20  LYS A O   1 
ATOM   130 C  CB  . LYS A 1 20 ? 2.058  -4.352  6.609   1.00 76.04  ? 20  LYS A CB  1 
ATOM   131 C  CG  . LYS A 1 20 ? 3.296  -4.503  5.739   1.00 103.62 ? 20  LYS A CG  1 
ATOM   132 C  CD  . LYS A 1 20 ? 4.215  -5.564  6.356   1.00 111.06 ? 20  LYS A CD  1 
ATOM   133 C  CE  . LYS A 1 20 ? 5.311  -6.003  5.408   1.00 128.55 ? 20  LYS A CE  1 
ATOM   134 N  NZ  . LYS A 1 20 ? 6.085  -7.119  6.011   1.00 157.98 ? 20  LYS A NZ  1 
ATOM   135 N  N   . LEU A 1 21 ? 0.111  -4.704  4.340   1.00 59.51  ? 21  LEU A N   1 
ATOM   136 C  CA  . LEU A 1 21 ? -0.342 -4.998  2.977   1.00 67.75  ? 21  LEU A CA  1 
ATOM   137 C  C   . LEU A 1 21 ? -1.248 -3.897  2.421   1.00 67.67  ? 21  LEU A C   1 
ATOM   138 O  O   . LEU A 1 21 ? -1.119 -3.489  1.258   1.00 64.55  ? 21  LEU A O   1 
ATOM   139 C  CB  . LEU A 1 21 ? -1.060 -6.353  2.967   1.00 73.72  ? 21  LEU A CB  1 
ATOM   140 C  CG  . LEU A 1 21 ? -1.910 -6.783  1.766   1.00 94.55  ? 21  LEU A CG  1 
ATOM   141 C  CD1 . LEU A 1 21 ? -1.044 -7.109  0.555   1.00 109.37 ? 21  LEU A CD1 1 
ATOM   142 C  CD2 . LEU A 1 21 ? -2.823 -7.962  2.117   1.00 87.96  ? 21  LEU A CD2 1 
ATOM   143 N  N   . GLY A 1 22 ? -2.165 -3.394  3.244   1.00 55.66  ? 22  GLY A N   1 
ATOM   144 C  CA  . GLY A 1 22 ? -3.052 -2.338  2.789   1.00 57.33  ? 22  GLY A CA  1 
ATOM   145 C  C   . GLY A 1 22 ? -2.316 -1.048  2.480   1.00 63.17  ? 22  GLY A C   1 
ATOM   146 O  O   . GLY A 1 22 ? -2.519 -0.444  1.422   1.00 54.94  ? 22  GLY A O   1 
ATOM   147 N  N   . LYS A 1 23 ? -1.465 -0.599  3.410   1.00 57.29  ? 23  LYS A N   1 
ATOM   148 C  CA  . LYS A 1 23 ? -0.730 0.641   3.221   1.00 62.71  ? 23  LYS A CA  1 
ATOM   149 C  C   . LYS A 1 23 ? 0.141  0.571   1.979   1.00 67.37  ? 23  LYS A C   1 
ATOM   150 O  O   . LYS A 1 23 ? 0.185  1.536   1.207   1.00 57.54  ? 23  LYS A O   1 
ATOM   151 C  CB  . LYS A 1 23 ? 0.107  0.966   4.461   1.00 77.86  ? 23  LYS A CB  1 
ATOM   152 C  CG  . LYS A 1 23 ? -0.645 1.819   5.498   1.00 92.59  ? 23  LYS A CG  1 
ATOM   153 C  CD  . LYS A 1 23 ? -0.139 1.610   6.936   1.00 94.88  ? 23  LYS A CD  1 
ATOM   154 C  CE  . LYS A 1 23 ? 1.130  2.406   7.238   1.00 91.85  ? 23  LYS A CE  1 
ATOM   155 N  NZ  . LYS A 1 23 ? 1.550  2.309   8.670   1.00 90.93  ? 23  LYS A NZ  1 
ATOM   156 N  N   . ASP A 1 24 ? 0.793  -0.578  1.747   1.00 75.63  ? 24  ASP A N   1 
ATOM   157 C  CA  . ASP A 1 24 ? 1.574  -0.784  0.526   1.00 70.19  ? 24  ASP A CA  1 
ATOM   158 C  C   . ASP A 1 24 ? 0.716  -0.609  -0.722  1.00 60.46  ? 24  ASP A C   1 
ATOM   159 O  O   . ASP A 1 24 ? 1.159  -0.005  -1.707  1.00 57.84  ? 24  ASP A O   1 
ATOM   160 C  CB  . ASP A 1 24 ? 2.211  -2.174  0.527   1.00 72.70  ? 24  ASP A CB  1 
ATOM   161 C  CG  . ASP A 1 24 ? 3.182  -2.380  -0.629  1.00 97.22  ? 24  ASP A CG  1 
ATOM   162 O  OD1 . ASP A 1 24 ? 4.398  -2.185  -0.428  1.00 107.23 ? 24  ASP A OD1 1 
ATOM   163 O  OD2 . ASP A 1 24 ? 2.728  -2.729  -1.739  1.00 106.49 ? 24  ASP A OD2 1 
ATOM   164 N  N   . ALA A 1 25 ? -0.508 -1.147  -0.704  1.00 60.54  ? 25  ALA A N   1 
ATOM   165 C  CA  . ALA A 1 25 ? -1.396 -1.044  -1.858  1.00 49.50  ? 25  ALA A CA  1 
ATOM   166 C  C   . ALA A 1 25 ? -1.766 0.402   -2.141  1.00 60.29  ? 25  ALA A C   1 
ATOM   167 O  O   . ALA A 1 25 ? -1.678 0.866   -3.282  1.00 53.43  ? 25  ALA A O   1 
ATOM   168 C  CB  . ALA A 1 25 ? -2.663 -1.869  -1.640  1.00 45.50  ? 25  ALA A CB  1 
ATOM   169 N  N   . VAL A 1 26 ? -2.206 1.126   -1.111  1.00 52.87  ? 26  VAL A N   1 
ATOM   170 C  CA  . VAL A 1 26 ? -2.567 2.523   -1.303  1.00 61.57  ? 26  VAL A CA  1 
ATOM   171 C  C   . VAL A 1 26 ? -1.383 3.309   -1.860  1.00 73.25  ? 26  VAL A C   1 
ATOM   172 O  O   . VAL A 1 26 ? -1.512 4.014   -2.868  1.00 85.13  ? 26  VAL A O   1 
ATOM   173 C  CB  . VAL A 1 26 ? -3.084 3.140   0.001   1.00 50.97  ? 26  VAL A CB  1 
ATOM   174 C  CG1 . VAL A 1 26 ? -3.146 4.636   -0.130  1.00 70.14  ? 26  VAL A CG1 1 
ATOM   175 C  CG2 . VAL A 1 26 ? -4.467 2.584   0.339   1.00 79.91  ? 26  VAL A CG2 1 
ATOM   176 N  N   . GLU A 1 27 ? -0.209 3.199   -1.221  1.00 56.75  ? 27  GLU A N   1 
ATOM   177 C  CA  . GLU A 1 27 ? 0.938  3.965   -1.705  1.00 74.69  ? 27  GLU A CA  1 
ATOM   178 C  C   . GLU A 1 27 ? 1.277  3.599   -3.148  1.00 73.56  ? 27  GLU A C   1 
ATOM   179 O  O   . GLU A 1 27 ? 1.526  4.486   -3.972  1.00 57.99  ? 27  GLU A O   1 
ATOM   180 C  CB  . GLU A 1 27 ? 2.149  3.784   -0.789  1.00 71.35  ? 27  GLU A CB  1 
ATOM   181 C  CG  . GLU A 1 27 ? 2.256  4.896   0.273   1.00 109.29 ? 27  GLU A CG  1 
ATOM   182 C  CD  . GLU A 1 27 ? 3.535  5.734   0.171   1.00 135.61 ? 27  GLU A CD  1 
ATOM   183 O  OE1 . GLU A 1 27 ? 4.627  5.146   0.000   1.00 145.10 ? 27  GLU A OE1 1 
ATOM   184 O  OE2 . GLU A 1 27 ? 3.445  6.982   0.275   1.00 136.44 ? 27  GLU A OE2 1 
ATOM   185 N  N   . ASP A 1 28 ? 1.250  2.304   -3.479  1.00 71.64  ? 28  ASP A N   1 
ATOM   186 C  CA  . ASP A 1 28 ? 1.415  1.873   -4.868  1.00 61.52  ? 28  ASP A CA  1 
ATOM   187 C  C   . ASP A 1 28 ? 0.447  2.600   -5.808  1.00 57.06  ? 28  ASP A C   1 
ATOM   188 O  O   . ASP A 1 28 ? 0.860  3.159   -6.829  1.00 68.67  ? 28  ASP A O   1 
ATOM   189 C  CB  . ASP A 1 28 ? 1.229  0.355   -4.969  1.00 63.42  ? 28  ASP A CB  1 
ATOM   190 C  CG  . ASP A 1 28 ? 2.461  -0.420  -4.535  1.00 85.70  ? 28  ASP A CG  1 
ATOM   191 O  OD1 . ASP A 1 28 ? 3.468  0.211   -4.131  1.00 59.49  ? 28  ASP A OD1 1 
ATOM   192 O  OD2 . ASP A 1 28 ? 2.420  -1.669  -4.602  1.00 150.14 ? 28  ASP A OD2 1 
ATOM   193 N  N   . LEU A 1 29 ? -0.851 2.619   -5.473  1.00 56.57  ? 29  LEU A N   1 
ATOM   194 C  CA  . LEU A 1 29 ? -1.800 3.288   -6.354  1.00 59.86  ? 29  LEU A CA  1 
ATOM   195 C  C   . LEU A 1 29 ? -1.512 4.786   -6.452  1.00 68.09  ? 29  LEU A C   1 
ATOM   196 O  O   . LEU A 1 29 ? -1.569 5.359   -7.550  1.00 64.45  ? 29  LEU A O   1 
ATOM   197 C  CB  . LEU A 1 29 ? -3.236 3.068   -5.889  1.00 39.72  ? 29  LEU A CB  1 
ATOM   198 C  CG  . LEU A 1 29 ? -3.868 1.656   -5.823  1.00 68.97  ? 29  LEU A CG  1 
ATOM   199 C  CD1 . LEU A 1 29 ? -5.200 1.665   -5.039  1.00 56.32  ? 29  LEU A CD1 1 
ATOM   200 C  CD2 . LEU A 1 29 ? -4.083 1.032   -7.201  1.00 46.47  ? 29  LEU A CD2 1 
ATOM   201 N  N   . GLU A 1 30 ? -1.260 5.439   -5.309  1.00 50.16  ? 30  GLU A N   1 
ATOM   202 C  CA  . GLU A 1 30 ? -0.851 6.846   -5.315  1.00 67.49  ? 30  GLU A CA  1 
ATOM   203 C  C   . GLU A 1 30 ? 0.231  7.072   -6.367  1.00 67.15  ? 30  GLU A C   1 
ATOM   204 O  O   . GLU A 1 30 ? 0.065  7.877   -7.293  1.00 47.89  ? 30  GLU A O   1 
ATOM   205 C  CB  . GLU A 1 30 ? -0.360 7.269   -3.916  1.00 68.64  ? 30  GLU A CB  1 
ATOM   206 C  CG  . GLU A 1 30 ? -0.232 8.793   -3.644  1.00 84.59  ? 30  GLU A CG  1 
ATOM   207 C  CD  . GLU A 1 30 ? 0.072  9.145   -2.163  1.00 95.41  ? 30  GLU A CD  1 
ATOM   208 O  OE1 . GLU A 1 30 ? 0.432  8.238   -1.380  1.00 107.67 ? 30  GLU A OE1 1 
ATOM   209 O  OE2 . GLU A 1 30 ? -0.044 10.335  -1.779  1.00 95.60  ? 30  GLU A OE2 1 
ATOM   210 N  N   . SER A 1 31 ? 1.323  6.311   -6.275  1.00 60.22  ? 31  SER A N   1 
ATOM   211 C  CA  . SER A 1 31 ? 2.431  6.524   -7.193  1.00 69.49  ? 31  SER A CA  1 
ATOM   212 C  C   . SER A 1 31 ? 2.038  6.165   -8.624  1.00 60.93  ? 31  SER A C   1 
ATOM   213 O  O   . SER A 1 31 ? 2.425  6.866   -9.563  1.00 59.32  ? 31  SER A O   1 
ATOM   214 C  CB  . SER A 1 31 ? 3.658  5.737   -6.719  1.00 71.99  ? 31  SER A CB  1 
ATOM   215 O  OG  . SER A 1 31 ? 3.781  4.498   -7.383  1.00 83.33  ? 31  SER A OG  1 
ATOM   216 N  N   . VAL A 1 32 ? 1.221  5.123   -8.800  1.00 52.80  ? 32  VAL A N   1 
ATOM   217 C  CA  . VAL A 1 32 ? 0.752  4.755   -10.136 1.00 66.40  ? 32  VAL A CA  1 
ATOM   218 C  C   . VAL A 1 32 ? -0.011 5.911   -10.770 1.00 68.55  ? 32  VAL A C   1 
ATOM   219 O  O   . VAL A 1 32 ? 0.194  6.247   -11.942 1.00 49.55  ? 32  VAL A O   1 
ATOM   220 C  CB  . VAL A 1 32 ? -0.109 3.483   -10.066 1.00 48.99  ? 32  VAL A CB  1 
ATOM   221 C  CG1 . VAL A 1 32 ? -1.029 3.374   -11.273 1.00 59.35  ? 32  VAL A CG1 1 
ATOM   222 C  CG2 . VAL A 1 32 ? 0.785  2.262   -9.959  1.00 64.35  ? 32  VAL A CG2 1 
ATOM   223 N  N   . GLY A 1 33 ? -0.901 6.534   -9.995  1.00 68.42  ? 33  GLY A N   1 
ATOM   224 C  CA  . GLY A 1 33 ? -1.674 7.647   -10.516 1.00 58.83  ? 33  GLY A CA  1 
ATOM   225 C  C   . GLY A 1 33 ? -0.818 8.866   -10.810 1.00 59.81  ? 33  GLY A C   1 
ATOM   226 O  O   . GLY A 1 33 ? -0.921 9.463   -11.881 1.00 50.26  ? 33  GLY A O   1 
ATOM   227 N  N   . LYS A 1 34 ? 0.033  9.259   -9.857  1.00 59.33  ? 34  LYS A N   1 
ATOM   228 C  CA  . LYS A 1 34 ? 0.865  10.434  -10.093 1.00 67.35  ? 34  LYS A CA  1 
ATOM   229 C  C   . LYS A 1 34 ? 1.914  10.169  -11.166 1.00 67.29  ? 34  LYS A C   1 
ATOM   230 O  O   . LYS A 1 34 ? 2.334  11.101  -11.863 1.00 70.99  ? 34  LYS A O   1 
ATOM   231 C  CB  . LYS A 1 34 ? 1.507  10.887  -8.787  1.00 57.74  ? 34  LYS A CB  1 
ATOM   232 C  CG  . LYS A 1 34 ? 0.454  11.301  -7.752  1.00 81.43  ? 34  LYS A CG  1 
ATOM   233 C  CD  . LYS A 1 34 ? 1.059  11.728  -6.427  1.00 83.05  ? 34  LYS A CD  1 
ATOM   234 C  CE  . LYS A 1 34 ? 0.058  12.542  -5.608  1.00 86.84  ? 34  LYS A CE  1 
ATOM   235 N  NZ  . LYS A 1 34 ? 0.503  12.772  -4.200  1.00 92.34  ? 34  LYS A NZ  1 
ATOM   236 N  N   . GLY A 1 35 ? 2.341  8.914   -11.320 1.00 73.21  ? 35  GLY A N   1 
ATOM   237 C  CA  . GLY A 1 35 ? 3.251  8.584   -12.406 1.00 77.82  ? 35  GLY A CA  1 
ATOM   238 C  C   . GLY A 1 35 ? 2.597  8.721   -13.770 1.00 57.36  ? 35  GLY A C   1 
ATOM   239 O  O   . GLY A 1 35 ? 3.200  9.236   -14.714 1.00 57.05  ? 35  GLY A O   1 
ATOM   240 N  N   . ALA A 1 36 ? 1.356  8.255   -13.891 1.00 55.42  ? 36  ALA A N   1 
ATOM   241 C  CA  . ALA A 1 36 ? 0.618  8.415   -15.135 1.00 59.22  ? 36  ALA A CA  1 
ATOM   242 C  C   . ALA A 1 36 ? 0.475  9.888   -15.497 1.00 69.74  ? 36  ALA A C   1 
ATOM   243 O  O   . ALA A 1 36 ? 0.734  10.285  -16.638 1.00 57.25  ? 36  ALA A O   1 
ATOM   244 C  CB  . ALA A 1 36 ? -0.749 7.741   -15.019 1.00 53.55  ? 36  ALA A CB  1 
ATOM   245 N  N   . VAL A 1 37 ? 0.093  10.722  -14.528 1.00 70.98  ? 37  VAL A N   1 
ATOM   246 C  CA  . VAL A 1 37 ? -0.020 12.152  -14.806 1.00 78.22  ? 37  VAL A CA  1 
ATOM   247 C  C   . VAL A 1 37 ? 1.322  12.714  -15.251 1.00 60.71  ? 37  VAL A C   1 
ATOM   248 O  O   . VAL A 1 37 ? 1.389  13.540  -16.167 1.00 60.61  ? 37  VAL A O   1 
ATOM   249 C  CB  . VAL A 1 37 ? -0.548 12.905  -13.581 1.00 68.12  ? 37  VAL A CB  1 
ATOM   250 C  CG1 . VAL A 1 37 ? -0.391 14.389  -13.794 1.00 63.58  ? 37  VAL A CG1 1 
ATOM   251 C  CG2 . VAL A 1 37 ? -2.007 12.556  -13.323 1.00 76.11  ? 37  VAL A CG2 1 
ATOM   252 N  N   . HIS A 1 38 ? 2.409  12.305  -14.585 1.00 55.70  ? 38  HIS A N   1 
ATOM   253 C  CA  . HIS A 1 38 ? 3.712  12.809  -15.003 1.00 67.16  ? 38  HIS A CA  1 
ATOM   254 C  C   . HIS A 1 38 ? 4.037  12.386  -16.430 1.00 64.69  ? 38  HIS A C   1 
ATOM   255 O  O   . HIS A 1 38 ? 4.438  13.220  -17.248 1.00 58.05  ? 38  HIS A O   1 
ATOM   256 C  CB  . HIS A 1 38 ? 4.817  12.344  -14.071 1.00 62.95  ? 38  HIS A CB  1 
ATOM   257 C  CG  . HIS A 1 38 ? 6.188  12.702  -14.561 1.00 78.24  ? 38  HIS A CG  1 
ATOM   258 N  ND1 . HIS A 1 38 ? 6.670  13.992  -14.547 1.00 72.23  ? 38  HIS A ND1 1 
ATOM   259 C  CD2 . HIS A 1 38 ? 7.164  11.945  -15.116 1.00 84.36  ? 38  HIS A CD2 1 
ATOM   260 C  CE1 . HIS A 1 38 ? 7.892  14.011  -15.050 1.00 69.54  ? 38  HIS A CE1 1 
ATOM   261 N  NE2 . HIS A 1 38 ? 8.215  12.782  -15.405 1.00 87.83  ? 38  HIS A NE2 1 
ATOM   262 N  N   . ASP A 1 39 ? 3.902  11.091  -16.735 1.00 63.08  ? 39  ASP A N   1 
ATOM   263 C  CA  . ASP A 1 39 ? 4.182  10.621  -18.084 1.00 56.49  ? 39  ASP A CA  1 
ATOM   264 C  C   . ASP A 1 39 ? 3.310  11.327  -19.114 1.00 70.46  ? 39  ASP A C   1 
ATOM   265 O  O   . ASP A 1 39 ? 3.752  11.547  -20.251 1.00 60.13  ? 39  ASP A O   1 
ATOM   266 C  CB  . ASP A 1 39 ? 4.001  9.109   -18.155 1.00 63.13  ? 39  ASP A CB  1 
ATOM   267 C  CG  . ASP A 1 39 ? 4.999  8.359   -17.270 1.00 83.05  ? 39  ASP A CG  1 
ATOM   268 O  OD1 . ASP A 1 39 ? 6.064  8.927   -16.943 1.00 99.42  ? 39  ASP A OD1 1 
ATOM   269 O  OD2 . ASP A 1 39 ? 4.718  7.198   -16.897 1.00 98.97  ? 39  ASP A OD2 1 
ATOM   270 N  N   . VAL A 1 40 ? 2.085  11.713  -18.740 1.00 55.77  ? 40  VAL A N   1 
ATOM   271 C  CA  . VAL A 1 40 ? 1.260  12.461  -19.680 1.00 59.53  ? 40  VAL A CA  1 
ATOM   272 C  C   . VAL A 1 40 ? 1.843  13.848  -19.911 1.00 60.88  ? 40  VAL A C   1 
ATOM   273 O  O   . VAL A 1 40 ? 2.023  14.271  -21.058 1.00 57.49  ? 40  VAL A O   1 
ATOM   274 C  CB  . VAL A 1 40 ? -0.194 12.530  -19.200 1.00 51.40  ? 40  VAL A CB  1 
ATOM   275 C  CG1 . VAL A 1 40 ? -0.834 13.786  -19.708 1.00 80.27  ? 40  VAL A CG1 1 
ATOM   276 C  CG2 . VAL A 1 40 ? -0.946 11.361  -19.762 1.00 63.01  ? 40  VAL A CG2 1 
ATOM   277 N  N   . LYS A 1 41 ? 2.169  14.564  -18.824 1.00 63.00  ? 41  LYS A N   1 
ATOM   278 C  CA  . LYS A 1 41 ? 2.848  15.842  -18.951 1.00 63.21  ? 41  LYS A CA  1 
ATOM   279 C  C   . LYS A 1 41 ? 4.051  15.753  -19.881 1.00 80.76  ? 41  LYS A C   1 
ATOM   280 O  O   . LYS A 1 41 ? 4.314  16.695  -20.636 1.00 68.43  ? 41  LYS A O   1 
ATOM   281 C  CB  . LYS A 1 41 ? 3.326  16.371  -17.605 1.00 58.06  ? 41  LYS A CB  1 
ATOM   282 C  CG  . LYS A 1 41 ? 2.255  16.968  -16.689 1.00 80.15  ? 41  LYS A CG  1 
ATOM   283 C  CD  . LYS A 1 41 ? 2.873  17.786  -15.522 1.00 88.71  ? 41  LYS A CD  1 
ATOM   284 C  CE  . LYS A 1 41 ? 3.421  16.900  -14.380 1.00 105.28 ? 41  LYS A CE  1 
ATOM   285 N  NZ  . LYS A 1 41 ? 4.093  17.651  -13.255 1.00 70.96  ? 41  LYS A NZ  1 
ATOM   286 N  N   . ASP A 1 42 ? 4.802  14.644  -19.827 1.00 68.30  ? 42  ASP A N   1 
ATOM   287 C  CA  . ASP A 1 42 ? 5.963  14.509  -20.694 1.00 66.52  ? 42  ASP A CA  1 
ATOM   288 C  C   . ASP A 1 42 ? 5.559  14.584  -22.165 1.00 64.50  ? 42  ASP A C   1 
ATOM   289 O  O   . ASP A 1 42 ? 6.197  15.296  -22.942 1.00 67.01  ? 42  ASP A O   1 
ATOM   290 C  CB  . ASP A 1 42 ? 6.724  13.216  -20.407 1.00 65.01  ? 42  ASP A CB  1 
ATOM   291 C  CG  . ASP A 1 42 ? 7.496  13.256  -19.069 1.00 94.35  ? 42  ASP A CG  1 
ATOM   292 O  OD1 . ASP A 1 42 ? 7.888  14.359  -18.621 1.00 92.02  ? 42  ASP A OD1 1 
ATOM   293 O  OD2 . ASP A 1 42 ? 7.718  12.179  -18.473 1.00 92.28  ? 42  ASP A OD2 1 
ATOM   294 N  N   . VAL A 1 43 ? 4.480  13.895  -22.556 1.00 68.72  ? 43  VAL A N   1 
ATOM   295 C  CA  . VAL A 1 43 ? 4.087  13.917  -23.967 1.00 72.79  ? 43  VAL A CA  1 
ATOM   296 C  C   . VAL A 1 43 ? 3.649  15.311  -24.400 1.00 69.71  ? 43  VAL A C   1 
ATOM   297 O  O   . VAL A 1 43 ? 3.860  15.706  -25.555 1.00 91.16  ? 43  VAL A O   1 
ATOM   298 C  CB  . VAL A 1 43 ? 2.988  12.880  -24.253 1.00 71.85  ? 43  VAL A CB  1 
ATOM   299 C  CG1 . VAL A 1 43 ? 2.789  12.732  -25.774 1.00 70.27  ? 43  VAL A CG1 1 
ATOM   300 C  CG2 . VAL A 1 43 ? 3.355  11.552  -23.628 1.00 84.30  ? 43  VAL A CG2 1 
ATOM   301 N  N   . LEU A 1 44 ? 3.051  16.073  -23.496 1.00 66.35  ? 44  LEU A N   1 
ATOM   302 C  CA  . LEU A 1 44 ? 2.633  17.443  -23.755 1.00 84.99  ? 44  LEU A CA  1 
ATOM   303 C  C   . LEU A 1 44 ? 3.731  18.456  -23.458 1.00 95.74  ? 44  LEU A C   1 
ATOM   304 O  O   . LEU A 1 44 ? 3.475  19.665  -23.503 1.00 110.62 ? 44  LEU A O   1 
ATOM   305 C  CB  . LEU A 1 44 ? 1.392  17.779  -22.929 1.00 94.22  ? 44  LEU A CB  1 
ATOM   306 C  CG  . LEU A 1 44 ? 0.000  17.345  -23.391 1.00 89.43  ? 44  LEU A CG  1 
ATOM   307 C  CD1 . LEU A 1 44 ? -0.080 15.887  -23.841 1.00 90.45  ? 44  LEU A CD1 1 
ATOM   308 C  CD2 . LEU A 1 44 ? -0.939 17.589  -22.241 1.00 69.86  ? 44  LEU A CD2 1 
ATOM   309 N  N   . ASP A 1 45 ? 4.928  17.992  -23.114 1.00 100.29 ? 45  ASP A N   1 
ATOM   310 C  CA  . ASP A 1 45 ? 6.132  18.813  -23.116 1.00 111.58 ? 45  ASP A CA  1 
ATOM   311 C  C   . ASP A 1 45 ? 6.884  18.698  -24.435 1.00 106.92 ? 45  ASP A C   1 
ATOM   312 O  O   . ASP A 1 45 ? 7.294  19.716  -25.003 1.00 120.74 ? 45  ASP A O   1 
ATOM   313 C  CB  . ASP A 1 45 ? 7.051  18.414  -21.951 1.00 116.35 ? 45  ASP A CB  1 
ATOM   314 C  CG  . ASP A 1 45 ? 8.038  19.518  -21.559 1.00 132.68 ? 45  ASP A CG  1 
ATOM   315 O  OD1 . ASP A 1 45 ? 8.583  20.213  -22.453 1.00 126.65 ? 45  ASP A OD1 1 
ATOM   316 O  OD2 . ASP A 1 45 ? 8.277  19.681  -20.341 1.00 142.15 ? 45  ASP A OD2 1 
ATOM   317 N  N   . SER A 1 46 ? 7.043  17.480  -24.955 1.00 108.63 ? 46  SER A N   1 
ATOM   318 C  CA  . SER A 1 46 ? 7.719  17.268  -26.230 1.00 127.31 ? 46  SER A CA  1 
ATOM   319 C  C   . SER A 1 46 ? 6.842  17.602  -27.431 1.00 125.71 ? 46  SER A C   1 
ATOM   320 O  O   . SER A 1 46 ? 7.235  17.325  -28.571 1.00 123.55 ? 46  SER A O   1 
ATOM   321 C  CB  . SER A 1 46 ? 8.204  15.818  -26.336 1.00 126.71 ? 46  SER A CB  1 
ATOM   322 O  OG  . SER A 1 46 ? 7.110  14.917  -26.381 1.00 108.77 ? 46  SER A OG  1 
ATOM   323 N  N   . VAL A 1 47 ? 5.668  18.186  -27.206 1.00 113.31 ? 47  VAL A N   1 
ATOM   324 C  CA  . VAL A 1 47 ? 4.756  18.503  -28.296 1.00 115.61 ? 47  VAL A CA  1 
ATOM   325 C  C   . VAL A 1 47 ? 4.194  19.907  -28.095 1.00 111.73 ? 47  VAL A C   1 
ATOM   326 O  O   . VAL A 1 47 ? 4.063  20.679  -29.054 1.00 125.89 ? 47  VAL A O   1 
ATOM   327 C  CB  . VAL A 1 47 ? 3.647  17.441  -28.407 1.00 104.36 ? 47  VAL A CB  1 
ATOM   328 C  CG1 . VAL A 1 47 ? 2.436  17.996  -29.140 1.00 110.58 ? 47  VAL A CG1 1 
ATOM   329 C  CG2 . VAL A 1 47 ? 4.175  16.209  -29.131 1.00 90.14  ? 47  VAL A CG2 1 
ATOM   330 N  N   . LEU A 1 48 ? 3.878  20.259  -26.855 1.00 111.30 ? 48  LEU A N   1 
ATOM   331 C  CA  . LEU A 1 48 ? 3.377  21.598  -26.574 1.00 110.04 ? 48  LEU A CA  1 
ATOM   332 C  C   . LEU A 1 48 ? 3.900  22.120  -25.242 1.00 117.89 ? 48  LEU A C   1 
ATOM   333 O  O   . LEU A 1 48 ? 4.870  22.878  -25.203 1.00 127.62 ? 48  LEU A O   1 
ATOM   334 C  CB  . LEU A 1 48 ? 1.845  21.613  -26.591 1.00 105.80 ? 48  LEU A CB  1 
ATOM   335 C  CG  . LEU A 1 48 ? 1.054  21.138  -25.372 1.00 95.96  ? 48  LEU A CG  1 
ATOM   336 C  CD1 . LEU A 1 48 ? 0.606  22.330  -24.534 1.00 76.55  ? 48  LEU A CD1 1 
ATOM   337 C  CD2 . LEU A 1 48 ? -0.133 20.316  -25.834 1.00 90.53  ? 48  LEU A CD2 1 
HETATM 338 ZN ZN  . ZN  B 2 .  ? 0.895  -11.631 24.140  0.77 66.35  ? 101 ZN  A ZN  1 
HETATM 339 ZN ZN  . ZN  C 2 .  ? 4.007  -2.815  -4.057  1.00 130.31 ? 102 ZN  A ZN  1 
# 
loop_
_atom_site_anisotrop.id 
_atom_site_anisotrop.type_symbol 
_atom_site_anisotrop.pdbx_label_atom_id 
_atom_site_anisotrop.pdbx_label_alt_id 
_atom_site_anisotrop.pdbx_label_comp_id 
_atom_site_anisotrop.pdbx_label_asym_id 
_atom_site_anisotrop.pdbx_label_seq_id 
_atom_site_anisotrop.pdbx_PDB_ins_code 
_atom_site_anisotrop.U[1][1] 
_atom_site_anisotrop.U[2][2] 
_atom_site_anisotrop.U[3][3] 
_atom_site_anisotrop.U[1][2] 
_atom_site_anisotrop.U[1][3] 
_atom_site_anisotrop.U[2][3] 
_atom_site_anisotrop.pdbx_auth_seq_id 
_atom_site_anisotrop.pdbx_auth_comp_id 
_atom_site_anisotrop.pdbx_auth_asym_id 
_atom_site_anisotrop.pdbx_auth_atom_id 
1   N N   . SER A 1  ? 1.2941 1.1277 0.8539 0.0737  -0.1001 0.2856  1  SER A N   
2   C CA  . SER A 1  ? 1.5713 1.3684 1.0973 0.0535  -0.0923 0.2643  1  SER A CA  
3   C C   . SER A 1  ? 1.7365 1.5146 1.2894 0.0754  -0.0424 0.2346  1  SER A C   
4   O O   . SER A 1  ? 1.7538 1.5685 1.3715 0.1052  -0.0199 0.2318  1  SER A O   
5   C CB  . SER A 1  ? 1.7484 1.6112 1.3189 0.0353  -0.1241 0.2735  1  SER A CB  
6   O OG  . SER A 1  ? 1.6994 1.6294 1.3604 0.0567  -0.1049 0.2650  1  SER A OG  
7   N N   . SER A 2  ? 1.7249 1.4450 1.2292 0.0605  -0.0269 0.2127  2  SER A N   
8   C CA  . SER A 2  ? 1.5913 1.2749 1.1059 0.0789  0.0208  0.1850  2  SER A CA  
9   C C   . SER A 2  ? 1.5337 1.2821 1.1400 0.0959  0.0338  0.1727  2  SER A C   
10  O O   . SER A 2  ? 1.3950 1.1826 1.0243 0.0818  0.0138  0.1734  2  SER A O   
11  C CB  . SER A 2  ? 1.6445 1.2442 1.0768 0.0577  0.0327  0.1666  2  SER A CB  
12  O OG  . SER A 2  ? 1.5295 1.1088 0.9881 0.0724  0.0740  0.1396  2  SER A OG  
13  N N   . LEU A 3  ? 1.5191 1.2749 1.1754 0.1263  0.0673  0.1615  3  LEU A N   
14  C CA  . LEU A 3  ? 1.3055 1.1061 1.0384 0.1436  0.0835  0.1455  3  LEU A CA  
15  C C   . LEU A 3  ? 1.2557 1.0177 0.9658 0.1294  0.0969  0.1217  3  LEU A C   
16  O O   . LEU A 3  ? 1.3328 1.1361 1.0902 0.1305  0.0936  0.1133  3  LEU A O   
17  C CB  . LEU A 3  ? 1.1449 0.9468 0.9267 0.1773  0.1167  0.1362  3  LEU A CB  
18  C CG  . LEU A 3  ? 1.3172 1.1728 1.1518 0.2014  0.1101  0.1543  3  LEU A CG  
19  C CD1 . LEU A 3  ? 1.3914 1.2277 1.1761 0.1945  0.0932  0.1776  3  LEU A CD1 
20  C CD2 . LEU A 3  ? 1.2491 1.0989 1.1343 0.2326  0.1453  0.1383  3  LEU A CD2 
21  N N   . LEU A 4  ? 1.2814 0.9630 0.9183 0.1168  0.1130  0.1109  4  LEU A N   
22  C CA  . LEU A 4  ? 1.3242 0.9580 0.9351 0.1063  0.1318  0.0869  4  LEU A CA  
23  C C   . LEU A 4  ? 1.3944 1.0462 0.9904 0.0794  0.1020  0.0879  4  LEU A C   
24  O O   . LEU A 4  ? 0.9563 0.6287 0.5919 0.0813  0.1086  0.0726  4  LEU A O   
25  C CB  . LEU A 4  ? 1.3127 0.8541 0.8392 0.0979  0.1534  0.0798  4  LEU A CB  
26  C CG  . LEU A 4  ? 1.3660 0.8619 0.9057 0.1194  0.2012  0.0602  4  LEU A CG  
27  C CD1 . LEU A 4  ? 1.6477 1.0542 1.0955 0.1103  0.2196  0.0597  4  LEU A CD1 
28  C CD2 . LEU A 4  ? 1.3691 0.8650 0.9451 0.1214  0.2182  0.0360  4  LEU A CD2 
29  N N   . GLU A 5  ? 1.3837 1.0228 0.9196 0.0532  0.0688  0.1054  5  GLU A N   
30  C CA  . GLU A 5  ? 1.3931 1.0533 0.9198 0.0266  0.0380  0.1088  5  GLU A CA  
31  C C   . GLU A 5  ? 1.1654 0.9204 0.7791 0.0354  0.0204  0.1201  5  GLU A C   
32  O O   . GLU A 5  ? 1.0390 0.8202 0.6740 0.0241  0.0101  0.1148  5  GLU A O   
33  C CB  . GLU A 5  ? 1.4951 1.1225 0.9421 -0.0038 0.0023  0.1269  5  GLU A CB  
34  C CG  . GLU A 5  ? 1.6571 1.2367 1.0421 -0.0346 -0.0106 0.1165  5  GLU A CG  
35  C CD  . GLU A 5  ? 1.7359 1.3786 1.1593 -0.0534 -0.0454 0.1269  5  GLU A CD  
36  O OE1 . GLU A 5  ? 1.8398 1.4484 1.2097 -0.0826 -0.0661 0.1249  5  GLU A OE1 
37  O OE2 . GLU A 5  ? 1.7715 1.4959 1.2776 -0.0389 -0.0516 0.1376  5  GLU A OE2 
38  N N   . LYS A 6  ? 1.1574 0.9626 0.8201 0.0565  0.0178  0.1361  6  LYS A N   
39  C CA  . LYS A 6  ? 1.0351 0.9271 0.7830 0.0710  0.0087  0.1450  6  LYS A CA  
40  C C   . LYS A 6  ? 1.0141 0.9142 0.8099 0.0883  0.0366  0.1203  6  LYS A C   
41  O O   . LYS A 6  ? 0.9699 0.9196 0.8086 0.0863  0.0264  0.1208  6  LYS A O   
42  C CB  . LYS A 6  ? 1.3505 1.2843 1.1395 0.0950  0.0077  0.1631  6  LYS A CB  
43  C CG  . LYS A 6  ? 1.5366 1.5549 1.4141 0.1165  0.0054  0.1706  6  LYS A CG  
44  C CD  . LYS A 6  ? 1.6304 1.6947 1.5386 0.1318  -0.0082 0.1962  6  LYS A CD  
45  C CE  . LYS A 6  ? 1.7358 1.8193 1.6165 0.1046  -0.0495 0.2240  6  LYS A CE  
46  N NZ  . LYS A 6  ? 1.7670 1.8998 1.6824 0.1193  -0.0652 0.2508  6  LYS A NZ  
47  N N   . GLY A 7  ? 1.1576 1.0075 0.9461 0.1046  0.0715  0.0989  7  GLY A N   
48  C CA  . GLY A 7  ? 0.8587 0.7129 0.6934 0.1209  0.0957  0.0753  7  GLY A CA  
49  C C   . GLY A 7  ? 0.7986 0.6275 0.6057 0.0985  0.0920  0.0607  7  GLY A C   
50  O O   . GLY A 7  ? 0.9384 0.8002 0.7891 0.1033  0.0922  0.0516  7  GLY A O   
51  N N   . LEU A 8  ? 1.0282 0.7937 0.7587 0.0742  0.0890  0.0576  8  LEU A N   
52  C CA  . LEU A 8  ? 1.1556 0.8934 0.8561 0.0523  0.0845  0.0439  8  LEU A CA  
53  C C   . LEU A 8  ? 1.0217 0.8182 0.7419 0.0341  0.0495  0.0593  8  LEU A C   
54  O O   . LEU A 8  ? 0.9597 0.7613 0.6903 0.0254  0.0476  0.0479  8  LEU A O   
55  C CB  . LEU A 8  ? 1.1937 0.8495 0.8025 0.0301  0.0866  0.0393  8  LEU A CB  
56  C CG  . LEU A 8  ? 1.3948 0.9897 0.9809 0.0475  0.1238  0.0267  8  LEU A CG  
57  C CD1 . LEU A 8  ? 1.5690 1.0799 1.0586 0.0256  0.1267  0.0222  8  LEU A CD1 
58  C CD2 . LEU A 8  ? 1.5206 1.1123 1.1618 0.0709  0.1581  0.0026  8  LEU A CD2 
59  N N   . ASP A 9  ? 1.0621 0.9028 0.7882 0.0278  0.0215  0.0863  9  ASP A N   
60  C CA  . ASP A 9  ? 1.1228 1.0288 0.8814 0.0135  -0.0097 0.1044  9  ASP A CA  
61  C C   . ASP A 9  ? 0.8422 0.8115 0.6832 0.0388  0.0022  0.1001  9  ASP A C   
62  O O   . ASP A 9  ? 0.9567 0.9577 0.8210 0.0294  -0.0081 0.1001  9  ASP A O   
63  C CB  . ASP A 9  ? 1.1045 1.0446 0.8578 0.0037  -0.0412 0.1355  9  ASP A CB  
64  C CG  . ASP A 9  ? 1.2434 1.1234 0.9095 -0.0278 -0.0635 0.1424  9  ASP A CG  
65  O OD1 . ASP A 9  ? 1.1156 0.9327 0.7257 -0.0448 -0.0572 0.1245  9  ASP A OD1 
66  O OD2 . ASP A 9  ? 1.2172 1.1101 0.8689 -0.0349 -0.0881 0.1661  9  ASP A OD2 
67  N N   . GLY A 10 ? 0.8078 0.7930 0.6910 0.0710  0.0238  0.0967  10 GLY A N   
68  C CA  . GLY A 10 ? 0.8813 0.9106 0.8333 0.0972  0.0389  0.0875  10 GLY A CA  
69  C C   . GLY A 10 ? 0.9204 0.9197 0.8692 0.0935  0.0528  0.0619  10 GLY A C   
70  O O   . GLY A 10 ? 1.0724 1.1109 1.0564 0.0947  0.0470  0.0612  10 GLY A O   
71  N N   . ALA A 11 ? 0.7705 0.6985 0.6761 0.0890  0.0716  0.0413  11 ALA A N   
72  C CA  . ALA A 11 ? 0.7831 0.6774 0.6833 0.0848  0.0846  0.0169  11 ALA A CA  
73  C C   . ALA A 11 ? 1.0226 0.9237 0.8957 0.0540  0.0597  0.0227  11 ALA A C   
74  O O   . ALA A 11 ? 0.8874 0.8103 0.7890 0.0547  0.0585  0.0148  11 ALA A O   
75  C CB  . ALA A 11 ? 0.7595 0.5751 0.6159 0.0844  0.1098  -0.0029 11 ALA A CB  
76  N N   . LYS A 12 ? 0.8789 0.7590 0.6952 0.0261  0.0386  0.0370  12 LYS A N   
77  C CA  . LYS A 12 ? 0.8296 0.7114 0.6167 -0.0059 0.0125  0.0437  12 LYS A CA  
78  C C   . LYS A 12 ? 1.0155 0.9768 0.8618 -0.0042 -0.0048 0.0595  12 LYS A C   
79  O O   . LYS A 12 ? 0.8730 0.8414 0.7270 -0.0143 -0.0091 0.0526  12 LYS A O   
80  C CB  . LYS A 12 ? 0.8225 0.6777 0.5457 -0.0339 -0.0129 0.0611  12 LYS A CB  
81  C CG  . LYS A 12 ? 1.1331 0.9493 0.7996 -0.0687 -0.0321 0.0579  12 LYS A CG  
82  C CD  . LYS A 12 ? 1.1559 0.9268 0.7468 -0.0943 -0.0544 0.0705  12 LYS A CD  
83  C CE  . LYS A 12 ? 1.2949 0.9744 0.8055 -0.1118 -0.0451 0.0497  12 LYS A CE  
84  N NZ  . LYS A 12 ? 1.4475 1.0757 0.8751 -0.1376 -0.0691 0.0618  12 LYS A NZ  
85  N N   . LYS A 13 ? 0.8915 0.9120 0.7788 0.0087  -0.0141 0.0820  13 LYS A N   
86  C CA  . LYS A 13 ? 0.8108 0.9082 0.7549 0.0116  -0.0283 0.0999  13 LYS A CA  
87  C C   . LYS A 13 ? 0.7697 0.8828 0.7594 0.0355  -0.0063 0.0815  13 LYS A C   
88  O O   . LYS A 13 ? 0.6703 0.8105 0.6776 0.0267  -0.0143 0.0837  13 LYS A O   
89  C CB  . LYS A 13 ? 0.9421 1.0970 0.9238 0.0254  -0.0383 0.1264  13 LYS A CB  
90  C CG  . LYS A 13 ? 1.1479 1.2934 1.0874 0.0000  -0.0667 0.1488  13 LYS A CG  
91  C CD  . LYS A 13 ? 1.1430 1.3578 1.1292 0.0106  -0.0825 0.1794  13 LYS A CD  
92  C CE  . LYS A 13 ? 1.1593 1.3648 1.1039 -0.0172 -0.1160 0.2027  13 LYS A CE  
93  N NZ  . LYS A 13 ? 1.1507 1.4187 1.1396 -0.0062 -0.1318 0.2327  13 LYS A NZ  
94  N N   . ALA A 14 ? 0.8510 0.9426 0.8574 0.0649  0.0208  0.0628  14 ALA A N   
95  C CA  . ALA A 14 ? 0.8262 0.9223 0.8704 0.0874  0.0398  0.0429  14 ALA A CA  
96  C C   . ALA A 14 ? 1.0041 1.0597 1.0191 0.0687  0.0403  0.0242  14 ALA A C   
97  O O   . ALA A 14 ? 1.1485 1.2264 1.1906 0.0738  0.0411  0.0188  14 ALA A O   
98  C CB  . ALA A 14 ? 0.9067 0.9754 0.9681 0.1178  0.0663  0.0250  14 ALA A CB  
99  N N   . VAL A 15 ? 0.7025 0.6959 0.6604 0.0477  0.0408  0.0140  15 VAL A N   
100 C CA  . VAL A 15 ? 0.8010 0.7542 0.7300 0.0298  0.0410  -0.0034 15 VAL A CA  
101 C C   . VAL A 15 ? 0.7731 0.7649 0.7018 0.0053  0.0148  0.0136  15 VAL A C   
102 O O   . VAL A 15 ? 0.6558 0.6557 0.6009 0.0051  0.0158  0.0049  15 VAL A O   
103 C CB  . VAL A 15 ? 0.8536 0.7308 0.7169 0.0122  0.0469  -0.0159 15 VAL A CB  
104 C CG1 . VAL A 15 ? 0.8029 0.6421 0.6356 -0.0078 0.0440  -0.0312 15 VAL A CG1 
105 C CG2 . VAL A 15 ? 0.7586 0.5967 0.6290 0.0382  0.0775  -0.0339 15 VAL A CG2 
106 N N   . GLY A 16 ? 0.9129 0.9281 0.8244 -0.0161 -0.0097 0.0390  16 GLY A N   
107 C CA  . GLY A 16 ? 0.8011 0.8592 0.7208 -0.0396 -0.0355 0.0588  16 GLY A CA  
108 C C   . GLY A 16 ? 0.8977 1.0219 0.8825 -0.0195 -0.0308 0.0664  16 GLY A C   
109 O O   . GLY A 16 ? 0.6542 0.7907 0.6461 -0.0305 -0.0366 0.0659  16 GLY A O   
110 N N   . GLY A 17 ? 0.6507 0.8155 0.6808 0.0106  -0.0196 0.0736  17 GLY A N   
111 C CA  . GLY A 17 ? 0.6881 0.9102 0.7755 0.0335  -0.0121 0.0797  17 GLY A CA  
112 C C   . GLY A 17 ? 0.8488 1.0443 0.9407 0.0456  0.0046  0.0538  17 GLY A C   
113 O O   . GLY A 17 ? 0.9366 1.1643 1.0514 0.0460  0.0022  0.0590  17 GLY A O   
114 N N   . LEU A 18 ? 0.7986 0.9342 0.8692 0.0554  0.0219  0.0262  18 LEU A N   
115 C CA  . LEU A 18 ? 0.8032 0.9091 0.8776 0.0656  0.0353  0.0010  18 LEU A CA  
116 C C   . LEU A 18 ? 0.9794 1.0670 1.0224 0.0349  0.0217  -0.0008 18 LEU A C   
117 O O   . LEU A 18 ? 0.8395 0.9374 0.8979 0.0393  0.0232  -0.0065 18 LEU A O   
118 C CB  . LEU A 18 ? 0.8357 0.8810 0.8971 0.0801  0.0555  -0.0262 18 LEU A CB  
119 C CG  . LEU A 18 ? 0.7958 0.8527 0.8936 0.1142  0.0717  -0.0294 18 LEU A CG  
120 C CD1 . LEU A 18 ? 0.8011 0.7969 0.8912 0.1263  0.0919  -0.0568 18 LEU A CD1 
121 C CD2 . LEU A 18 ? 0.7220 0.8263 0.8675 0.1398  0.0745  -0.0257 18 LEU A CD2 
122 N N   . GLY A 19 ? 0.7646 0.8205 0.7596 0.0038  0.0079  0.0036  19 GLY A N   
123 C CA  . GLY A 19 ? 0.7150 0.7555 0.6786 -0.0279 -0.0085 0.0050  19 GLY A CA  
124 C C   . GLY A 19 ? 0.8026 0.9080 0.7975 -0.0365 -0.0242 0.0294  19 GLY A C   
125 O O   . GLY A 19 ? 0.7691 0.8733 0.7643 -0.0447 -0.0266 0.0247  19 GLY A O   
126 N N   . LYS A 20 ? 0.5969 0.7598 0.6209 -0.0338 -0.0340 0.0565  20 LYS A N   
127 C CA  . LYS A 20 ? 0.7653 0.9971 0.8303 -0.0364 -0.0440 0.0818  20 LYS A CA  
128 C C   . LYS A 20 ? 0.5753 0.8245 0.6757 -0.0075 -0.0246 0.0706  20 LYS A C   
129 O O   . LYS A 20 ? 0.7202 0.9770 0.8225 -0.0176 -0.0279 0.0721  20 LYS A O   
130 C CB  . LYS A 20 ? 0.8342 1.1232 0.9316 -0.0302 -0.0527 0.1103  20 LYS A CB  
131 C CG  . LYS A 20 ? 1.1398 1.5069 1.2902 -0.0260 -0.0580 0.1390  20 LYS A CG  
132 C CD  . LYS A 20 ? 1.2073 1.6243 1.3879 -0.0191 -0.0666 0.1656  20 LYS A CD  
133 C CE  . LYS A 20 ? 1.3820 1.8782 1.6241 -0.0042 -0.0637 0.1924  20 LYS A CE  
134 N NZ  . LYS A 20 ? 1.7294 2.2705 2.0024 0.0064  -0.0701 0.2160  20 LYS A NZ  
135 N N   . LEU A 21 ? 0.6272 0.8804 0.7538 0.0286  -0.0048 0.0600  21 LEU A N   
136 C CA  . LEU A 21 ? 0.7198 0.9801 0.8742 0.0590  0.0129  0.0467  21 LEU A CA  
137 C C   . LEU A 21 ? 0.7449 0.9543 0.8721 0.0509  0.0161  0.0221  21 LEU A C   
138 O O   . LEU A 21 ? 0.6963 0.9198 0.8365 0.0577  0.0194  0.0215  21 LEU A O   
139 C CB  . LEU A 21 ? 0.7916 1.0432 0.9661 0.0949  0.0311  0.0332  21 LEU A CB  
140 C CG  . LEU A 21 ? 1.0538 1.2907 1.2478 0.1286  0.0490  0.0113  21 LEU A CG  
141 C CD1 . LEU A 21 ? 1.2114 1.5038 1.4402 0.1473  0.0526  0.0278  21 LEU A CD1 
142 C CD2 . LEU A 21 ? 0.9753 1.1868 1.1800 0.1556  0.0632  -0.0051 21 LEU A CD2 
143 N N   . GLY A 22 ? 0.6262 0.7744 0.7144 0.0366  0.0158  0.0022  22 GLY A N   
144 C CA  . GLY A 22 ? 0.6725 0.7702 0.7355 0.0288  0.0184  -0.0210 22 GLY A CA  
145 C C   . GLY A 22 ? 0.7484 0.8570 0.7947 -0.0016 0.0017  -0.0083 22 GLY A C   
146 O O   . GLY A 22 ? 0.6447 0.7482 0.6945 0.0023  0.0045  -0.0162 22 GLY A O   
147 N N   . LYS A 23 ? 0.6766 0.7973 0.7031 -0.0328 -0.0172 0.0119  23 LYS A N   
148 C CA  . LYS A 23 ? 0.7472 0.8771 0.7582 -0.0649 -0.0355 0.0258  23 LYS A CA  
149 C C   . LYS A 23 ? 0.7719 0.9630 0.8251 -0.0549 -0.0340 0.0448  23 LYS A C   
150 O O   . LYS A 23 ? 0.6518 0.8367 0.6979 -0.0658 -0.0369 0.0430  23 LYS A O   
151 C CB  . LYS A 23 ? 0.9452 1.0810 0.9322 -0.0986 -0.0589 0.0466  23 LYS A CB  
152 C CG  . LYS A 23 ? 1.1774 1.2381 1.1024 -0.1227 -0.0659 0.0282  23 LYS A CG  
153 C CD  . LYS A 23 ? 1.2184 1.2719 1.1149 -0.1433 -0.0831 0.0423  23 LYS A CD  
154 C CE  . LYS A 23 ? 1.1730 1.2550 1.0621 -0.1803 -0.1141 0.0706  23 LYS A CE  
155 N NZ  . LYS A 23 ? 1.1796 1.2434 1.0320 -0.2024 -0.1346 0.0823  23 LYS A NZ  
156 N N   . ASP A 24 ? 0.8433 1.0907 0.9396 -0.0323 -0.0273 0.0624  24 ASP A N   
157 C CA  . ASP A 24 ? 0.7418 1.0461 0.8790 -0.0168 -0.0204 0.0799  24 ASP A CA  
158 C C   . ASP A 24 ? 0.6284 0.9049 0.7638 0.0065  -0.0038 0.0566  24 ASP A C   
159 O O   . ASP A 24 ? 0.5862 0.8820 0.7294 0.0038  -0.0028 0.0653  24 ASP A O   
160 C CB  . ASP A 24 ? 0.7406 1.1003 0.9213 0.0094  -0.0123 0.0979  24 ASP A CB  
161 C CG  . ASP A 24 ? 1.0164 1.4385 1.2390 0.0241  -0.0045 0.1207  24 ASP A CG  
162 O OD1 . ASP A 24 ? 1.1179 1.5926 1.3636 0.0054  -0.0169 0.1524  24 ASP A OD1 
163 O OD2 . ASP A 24 ? 1.1322 1.5493 1.3646 0.0541  0.0138  0.1077  24 ASP A OD2 
164 N N   . ALA A 25 ? 0.6477 0.8787 0.7739 0.0296  0.0091  0.0277  25 ALA A N   
165 C CA  . ALA A 25 ? 0.5184 0.7187 0.6435 0.0527  0.0220  0.0044  25 ALA A CA  
166 C C   . ALA A 25 ? 0.6797 0.8398 0.7714 0.0284  0.0137  -0.0067 25 ALA A C   
167 O O   . ALA A 25 ? 0.5906 0.7546 0.6848 0.0347  0.0169  -0.0071 25 ALA A O   
168 C CB  . ALA A 25 ? 0.4820 0.6395 0.6072 0.0786  0.0343  -0.0234 25 ALA A CB  
169 N N   . VAL A 26 ? 0.6115 0.7288 0.6686 0.0016  0.0036  -0.0164 26 VAL A N   
170 C CA  . VAL A 26 ? 0.7470 0.8225 0.7700 -0.0224 -0.0050 -0.0273 26 VAL A CA  
171 C C   . VAL A 26 ? 0.8793 0.9963 0.9074 -0.0437 -0.0163 -0.0011 26 VAL A C   
172 O O   . VAL A 26 ? 1.0353 1.1417 1.0577 -0.0430 -0.0146 -0.0062 26 VAL A O   
173 C CB  . VAL A 26 ? 0.6433 0.6678 0.6256 -0.0487 -0.0140 -0.0384 26 VAL A CB  
174 C CG1 . VAL A 26 ? 0.9092 0.8996 0.8562 -0.0781 -0.0263 -0.0427 26 VAL A CG1 
175 C CG2 . VAL A 26 ? 1.0286 1.0022 1.0055 -0.0267 0.0012  -0.0679 26 VAL A CG2 
176 N N   . GLU A 27 ? 0.6503 0.8150 0.6909 -0.0631 -0.0284 0.0281  27 GLU A N   
177 C CA  . GLU A 27 ? 0.8602 1.0666 0.9112 -0.0855 -0.0395 0.0552  27 GLU A CA  
178 C C   . GLU A 27 ? 0.8224 1.0665 0.9059 -0.0582 -0.0234 0.0631  27 GLU A C   
179 O O   . GLU A 27 ? 0.6271 0.8716 0.7046 -0.0683 -0.0248 0.0683  27 GLU A O   
180 C CB  . GLU A 27 ? 0.7963 1.0512 0.8635 -0.1083 -0.0561 0.0868  27 GLU A CB  
181 C CG  . GLU A 27 ? 1.3025 1.5222 1.3279 -0.1517 -0.0807 0.0886  27 GLU A CG  
182 C CD  . GLU A 27 ? 1.6173 1.8792 1.6558 -0.1847 -0.1004 0.1207  27 GLU A CD  
183 O OE1 . GLU A 27 ? 1.6992 2.0300 1.7838 -0.1808 -0.1016 0.1506  27 GLU A OE1 
184 O OE2 . GLU A 27 ? 1.6514 1.8772 1.6556 -0.2148 -0.1149 0.1168  27 GLU A OE2 
185 N N   . ASP A 28 ? 0.7788 1.0502 0.8930 -0.0225 -0.0075 0.0632  28 ASP A N   
186 C CA  . ASP A 28 ? 0.6349 0.9308 0.7719 0.0084  0.0099  0.0663  28 ASP A CA  
187 C C   . ASP A 28 ? 0.6062 0.8475 0.7146 0.0156  0.0149  0.0403  28 ASP A C   
188 O O   . ASP A 28 ? 0.7492 1.0025 0.8576 0.0155  0.0187  0.0497  28 ASP A O   
189 C CB  . ASP A 28 ? 0.6435 0.9580 0.8080 0.0472  0.0252  0.0622  28 ASP A CB  
190 C CG  . ASP A 28 ? 0.8897 1.2736 1.0927 0.0478  0.0246  0.0947  28 ASP A CG  
191 O OD1 . ASP A 28 ? 0.5432 0.9625 0.7547 0.0173  0.0108  0.1212  28 ASP A OD1 
192 O OD2 . ASP A 28 ? 1.6919 2.0945 1.9184 0.0790  0.0366  0.0942  28 ASP A OD2 
193 N N   . LEU A 29 ? 0.6283 0.8086 0.7125 0.0218  0.0149  0.0083  29 LEU A N   
194 C CA  . LEU A 29 ? 0.6955 0.8234 0.7556 0.0294  0.0177  -0.0163 29 LEU A CA  
195 C C   . LEU A 29 ? 0.8139 0.9265 0.8469 -0.0055 0.0048  -0.0101 29 LEU A C   
196 O O   . LEU A 29 ? 0.7747 0.8760 0.7982 -0.0005 0.0080  -0.0126 29 LEU A O   
197 C CB  . LEU A 29 ? 0.4656 0.5328 0.5108 0.0404  0.0195  -0.0498 29 LEU A CB  
198 C CG  . LEU A 29 ? 0.8289 0.8940 0.8977 0.0758  0.0318  -0.0633 29 LEU A CG  
199 C CD1 . LEU A 29 ? 0.6932 0.6990 0.7478 0.0758  0.0319  -0.0921 29 LEU A CD1 
200 C CD2 . LEU A 29 ? 0.5384 0.6060 0.6212 0.1124  0.0428  -0.0703 29 LEU A CD2 
201 N N   . GLU A 30 ? 0.5946 0.7004 0.6110 -0.0405 -0.0104 -0.0034 30 GLU A N   
202 C CA  . GLU A 30 ? 0.8261 0.9206 0.8177 -0.0765 -0.0250 0.0058  30 GLU A CA  
203 C C   . GLU A 30 ? 0.7980 0.9428 0.8107 -0.0769 -0.0214 0.0327  30 GLU A C   
204 O O   . GLU A 30 ? 0.5664 0.6903 0.5629 -0.0789 -0.0200 0.0281  30 GLU A O   
205 C CB  . GLU A 30 ? 0.8446 0.9412 0.8222 -0.1130 -0.0435 0.0182  30 GLU A CB  
206 C CG  . GLU A 30 ? 1.0696 1.1339 1.0106 -0.1532 -0.0620 0.0201  30 GLU A CG  
207 C CD  . GLU A 30 ? 1.2183 1.2705 1.1363 -0.1869 -0.0817 0.0273  30 GLU A CD  
208 O OE1 . GLU A 30 ? 1.3587 1.4391 1.2933 -0.1823 -0.0826 0.0374  30 GLU A OE1 
209 O OE2 . GLU A 30 ? 1.2472 1.2585 1.1269 -0.2180 -0.0971 0.0228  30 GLU A OE2 
210 N N   . SER A 31 ? 0.6754 0.8869 0.7260 -0.0720 -0.0178 0.0613  31 SER A N   
211 C CA  . SER A 31 ? 0.7673 1.0308 0.8422 -0.0734 -0.0120 0.0904  31 SER A CA  
212 C C   . SER A 31 ? 0.6615 0.9164 0.7372 -0.0369 0.0085  0.0797  31 SER A C   
213 O O   . SER A 31 ? 0.6413 0.9011 0.7116 -0.0415 0.0126  0.0903  31 SER A O   
214 C CB  . SER A 31 ? 0.7595 1.0967 0.8792 -0.0749 -0.0121 0.1236  31 SER A CB  
215 O OG  . SER A 31 ? 0.8823 1.2520 1.0318 -0.0344 0.0089  0.1267  31 SER A OG  
216 N N   . VAL A 32 ? 0.5640 0.7997 0.6424 -0.0011 0.0202  0.0577  32 VAL A N   
217 C CA  . VAL A 32 ? 0.7439 0.9620 0.8171 0.0346  0.0365  0.0447  32 VAL A CA  
218 C C   . VAL A 32 ? 0.8038 0.9631 0.8379 0.0251  0.0305  0.0250  32 VAL A C   
219 O O   . VAL A 32 ? 0.5666 0.7242 0.5917 0.0354  0.0390  0.0301  32 VAL A O   
220 C CB  . VAL A 32 ? 0.5266 0.7265 0.6082 0.0707  0.0453  0.0220  32 VAL A CB  
221 C CG1 . VAL A 32 ? 0.6800 0.8332 0.7417 0.1014  0.0536  -0.0027 32 VAL A CG1 
222 C CG2 . VAL A 32 ? 0.6873 0.9497 0.8080 0.0903  0.0567  0.0447  32 VAL A CG2 
223 N N   . GLY A 33 ? 0.8274 0.9358 0.8366 0.0059  0.0167  0.0027  33 GLY A N   
224 C CA  . GLY A 33 ? 0.7373 0.7876 0.7105 -0.0036 0.0098  -0.0168 33 GLY A CA  
225 C C   . GLY A 33 ? 0.7489 0.8135 0.7102 -0.0354 0.0025  0.0054  33 GLY A C   
226 O O   . GLY A 33 ? 0.6407 0.6850 0.5839 -0.0304 0.0060  0.0031  33 GLY A O   
227 N N   . LYS A 34 ? 0.7288 0.8260 0.6994 -0.0691 -0.0091 0.0275  34 LYS A N   
228 C CA  . LYS A 34 ? 0.8284 0.9394 0.7910 -0.1018 -0.0179 0.0500  34 LYS A CA  
229 C C   . LYS A 34 ? 0.8004 0.9665 0.7897 -0.0887 -0.0023 0.0788  34 LYS A C   
230 O O   . LYS A 34 ? 0.8512 1.0164 0.8294 -0.1037 -0.0027 0.0916  34 LYS A O   
231 C CB  . LYS A 34 ? 0.6994 0.8290 0.6655 -0.1414 -0.0370 0.0666  34 LYS A CB  
232 C CG  . LYS A 34 ? 1.0321 1.0988 0.9629 -0.1556 -0.0507 0.0380  34 LYS A CG  
233 C CD  . LYS A 34 ? 1.0510 1.1279 0.9766 -0.1940 -0.0712 0.0529  34 LYS A CD  
234 C CE  . LYS A 34 ? 1.1394 1.1426 1.0177 -0.2129 -0.0841 0.0258  34 LYS A CE  
235 N NZ  . LYS A 34 ? 1.2131 1.2165 1.0789 -0.2453 -0.1035 0.0360  34 LYS A NZ  
236 N N   . GLY A 35 ? 0.8486 1.0610 0.8721 -0.0599 0.0130  0.0896  35 GLY A N   
237 C CA  . GLY A 35 ? 0.8835 1.1433 0.9301 -0.0415 0.0322  0.1150  35 GLY A CA  
238 C C   . GLY A 35 ? 0.6486 0.8657 0.6653 -0.0141 0.0454  0.0974  35 GLY A C   
239 O O   . GLY A 35 ? 0.6414 0.8717 0.6544 -0.0152 0.0552  0.1155  35 GLY A O   
240 N N   . ALA A 36 ? 0.6487 0.8129 0.6440 0.0110  0.0451  0.0627  36 ALA A N   
241 C CA  . ALA A 36 ? 0.7241 0.8389 0.6871 0.0362  0.0526  0.0431  36 ALA A CA  
242 C C   . ALA A 36 ? 0.8810 0.9585 0.8104 0.0085  0.0419  0.0413  36 ALA A C   
243 O O   . ALA A 36 ? 0.7308 0.8014 0.6429 0.0171  0.0517  0.0494  36 ALA A O   
244 C CB  . ALA A 36 ? 0.6737 0.7364 0.6248 0.0622  0.0489  0.0058  36 ALA A CB  
245 N N   . VAL A 37 ? 0.9094 0.9608 0.8266 -0.0249 0.0223  0.0317  37 VAL A N   
246 C CA  . VAL A 37 ? 1.0240 1.0390 0.9089 -0.0530 0.0110  0.0305  37 VAL A CA  
247 C C   . VAL A 37 ? 0.7815 0.8459 0.6795 -0.0727 0.0170  0.0683  37 VAL A C   
248 O O   . VAL A 37 ? 0.7955 0.8383 0.6691 -0.0772 0.0196  0.0724  37 VAL A O   
249 C CB  . VAL A 37 ? 0.9123 0.8938 0.7823 -0.0862 -0.0103 0.0162  37 VAL A CB  
250 C CG1 . VAL A 37 ? 0.8733 0.8279 0.7145 -0.1193 -0.0223 0.0220  37 VAL A CG1 
251 C CG2 . VAL A 37 ? 1.0385 0.9611 0.8924 -0.0665 -0.0140 -0.0225 37 VAL A CG2 
252 N N   . HIS A 38 ? 0.6823 0.8134 0.6205 -0.0859 0.0187  0.0975  38 HIS A N   
253 C CA  . HIS A 38 ? 0.8033 0.9860 0.7624 -0.1047 0.0253  0.1359  38 HIS A CA  
254 C C   . HIS A 38 ? 0.7676 0.9637 0.7268 -0.0708 0.0516  0.1465  38 HIS A C   
255 O O   . HIS A 38 ? 0.6897 0.8815 0.6345 -0.0807 0.0574  0.1610  38 HIS A O   
256 C CB  . HIS A 38 ? 0.7099 0.9639 0.7180 -0.1217 0.0218  0.1662  38 HIS A CB  
257 C CG  . HIS A 38 ? 0.8726 1.1871 0.9129 -0.1363 0.0315  0.2082  38 HIS A CG  
258 N ND1 . HIS A 38 ? 0.7998 1.1116 0.8329 -0.1756 0.0186  0.2251  38 HIS A ND1 
259 C CD2 . HIS A 38 ? 0.9152 1.2934 0.9967 -0.1161 0.0543  0.2373  38 HIS A CD2 
260 C CE1 . HIS A 38 ? 0.7324 1.1057 0.8042 -0.1800 0.0328  0.2638  38 HIS A CE1 
261 N NE2 . HIS A 38 ? 0.9401 1.3550 1.0420 -0.1437 0.0555  0.2721  38 HIS A NE2 
262 N N   . ASP A 39 ? 0.7372 0.9488 0.7109 -0.0308 0.0683  0.1404  39 ASP A N   
263 C CA  . ASP A 39 ? 0.6533 0.8719 0.6210 0.0044  0.0941  0.1488  39 ASP A CA  
264 C C   . ASP A 39 ? 0.8724 1.0193 0.7856 0.0142  0.0931  0.1259  39 ASP A C   
265 O O   . ASP A 39 ? 0.7462 0.8940 0.6446 0.0267  0.1110  0.1406  39 ASP A O   
266 C CB  . ASP A 39 ? 0.7261 0.9609 0.7115 0.0461  0.1083  0.1403  39 ASP A CB  
267 C CG  . ASP A 39 ? 0.9347 1.2451 0.9758 0.0397  0.1119  0.1673  39 ASP A CG  
268 O OD1 . ASP A 39 ? 1.1156 1.4758 1.1859 0.0095  0.1100  0.2000  39 ASP A OD1 
269 O OD2 . ASP A 39 ? 1.1278 1.4475 1.1850 0.0647  0.1155  0.1565  39 ASP A OD2 
270 N N   . VAL A 40 ? 0.7174 0.8010 0.6004 0.0084  0.0731  0.0912  40 VAL A N   
271 C CA  . VAL A 40 ? 0.8046 0.8195 0.6379 0.0153  0.0690  0.0704  40 VAL A CA  
272 C C   . VAL A 40 ? 0.8268 0.8407 0.6457 -0.0204 0.0642  0.0904  40 VAL A C   
273 O O   . VAL A 40 ? 0.7986 0.7951 0.5908 -0.0108 0.0759  0.0981  40 VAL A O   
274 C CB  . VAL A 40 ? 0.7307 0.6806 0.5418 0.0182  0.0491  0.0296  40 VAL A CB  
275 C CG1 . VAL A 40 ? 1.1317 1.0191 0.8990 0.0034  0.0363  0.0152  40 VAL A CG1 
276 C CG2 . VAL A 40 ? 0.8873 0.8135 0.6932 0.0634  0.0572  0.0071  40 VAL A CG2 
277 N N   . LYS A 41 ? 0.8426 0.8737 0.6773 -0.0619 0.0469  0.0999  41 LYS A N   
278 C CA  . LYS A 41 ? 0.8457 0.8828 0.6731 -0.0987 0.0411  0.1226  41 LYS A CA  
279 C C   . LYS A 41 ? 1.0448 1.1329 0.8908 -0.0914 0.0658  0.1597  41 LYS A C   
280 O O   . LYS A 41 ? 0.9020 0.9732 0.7250 -0.1039 0.0694  0.1715  41 LYS A O   
281 C CB  . LYS A 41 ? 0.7633 0.8278 0.6147 -0.1424 0.0208  0.1353  41 LYS A CB  
282 C CG  . LYS A 41 ? 1.0725 1.0776 0.8953 -0.1618 -0.0046 0.1036  41 LYS A CG  
283 C CD  . LYS A 41 ? 1.1708 1.1946 1.0054 -0.2104 -0.0259 0.1205  41 LYS A CD  
284 C CE  . LYS A 41 ? 1.3484 1.4267 1.2249 -0.2153 -0.0296 0.1328  41 LYS A CE  
285 N NZ  . LYS A 41 ? 0.9048 1.0006 0.7909 -0.2623 -0.0528 0.1509  41 LYS A NZ  
286 N N   . ASP A 42 ? 0.8522 1.0026 0.7402 -0.0715 0.0840  0.1794  42 ASP A N   
287 C CA  . ASP A 42 ? 0.8056 1.0068 0.7151 -0.0622 0.1109  0.2160  42 ASP A CA  
288 C C   . ASP A 42 ? 0.8118 0.9654 0.6734 -0.0306 0.1294  0.2064  42 ASP A C   
289 O O   . ASP A 42 ? 0.8445 1.0044 0.6972 -0.0397 0.1425  0.2301  42 ASP A O   
290 C CB  . ASP A 42 ? 0.7460 1.0169 0.7072 -0.0408 0.1281  0.2354  42 ASP A CB  
291 C CG  . ASP A 42 ? 1.0800 1.4106 1.0942 -0.0763 0.1119  0.2573  42 ASP A CG  
292 O OD1 . ASP A 42 ? 1.0476 1.3827 1.0662 -0.1190 0.0946  0.2717  42 ASP A OD1 
293 O OD2 . ASP A 42 ? 1.0286 1.3993 1.0784 -0.0614 0.1152  0.2604  42 ASP A OD2 
294 N N   . VAL A 43 ? 0.8933 0.9955 0.7224 0.0054  0.1292  0.1720  43 VAL A N   
295 C CA  . VAL A 43 ? 0.9780 1.0303 0.7572 0.0371  0.1442  0.1624  43 VAL A CA  
296 C C   . VAL A 43 ? 0.9731 0.9683 0.7072 0.0134  0.1304  0.1545  43 VAL A C   
297 O O   . VAL A 43 ? 1.2635 1.2363 0.9636 0.0248  0.1461  0.1643  43 VAL A O   
298 C CB  . VAL A 43 ? 0.9893 0.9958 0.7447 0.0790  0.1422  0.1264  43 VAL A CB  
299 C CG1 . VAL A 43 ? 1.0012 0.9627 0.7060 0.1156  0.1603  0.1218  43 VAL A CG1 
300 C CG2 . VAL A 43 ? 1.1133 1.1744 0.9152 0.0976  0.1517  0.1323  43 VAL A CG2 
301 N N   . LEU A 44 ? 0.9403 0.9094 0.6713 -0.0189 0.1021  0.1373  44 LEU A N   
302 C CA  . LEU A 44 ? 1.2074 1.1231 0.8987 -0.0448 0.0862  0.1297  44 LEU A CA  
303 C C   . LEU A 44 ? 1.3226 1.2795 1.0356 -0.0880 0.0857  0.1653  44 LEU A C   
304 O O   . LEU A 44 ? 1.5338 1.4508 1.2183 -0.1157 0.0702  0.1615  44 LEU A O   
305 C CB  . LEU A 44 ? 1.3476 1.2094 1.0229 -0.0567 0.0568  0.0925  44 LEU A CB  
306 C CG  . LEU A 44 ? 1.3218 1.1146 0.9616 -0.0229 0.0489  0.0520  44 LEU A CG  
307 C CD1 . LEU A 44 ? 1.3262 1.1342 0.9763 0.0224  0.0660  0.0462  44 LEU A CD1 
308 C CD2 . LEU A 44 ? 1.0821 0.8456 0.7267 -0.0406 0.0237  0.0243  44 LEU A CD2 
309 N N   . ASP A 45 ? 1.3365 1.3722 1.1019 -0.0952 0.1002  0.1998  45 ASP A N   
310 C CA  . ASP A 45 ? 1.4551 1.5374 1.2469 -0.1297 0.1058  0.2402  45 ASP A CA  
311 C C   . ASP A 45 ? 1.3917 1.4925 1.1781 -0.1073 0.1399  0.2674  45 ASP A C   
312 O O   . ASP A 45 ? 1.5756 1.6662 1.3460 -0.1275 0.1442  0.2861  45 ASP A O   
313 C CB  . ASP A 45 ? 1.4679 1.6274 1.3254 -0.1526 0.1004  0.2649  45 ASP A CB  
314 C CG  . ASP A 45 ? 1.6540 1.8485 1.5387 -0.2014 0.0905  0.2992  45 ASP A CG  
315 O OD1 . ASP A 45 ? 1.5803 1.7759 1.4558 -0.2084 0.1053  0.3221  45 ASP A OD1 
316 O OD2 . ASP A 45 ? 1.7557 1.9752 1.6700 -0.2333 0.0671  0.3037  45 ASP A OD2 
317 N N   . SER A 46 ? 1.4029 1.5262 1.1984 -0.0649 0.1651  0.2693  46 SER A N   
318 C CA  . SER A 46 ? 1.6387 1.7748 1.4236 -0.0384 0.2010  0.2937  46 SER A CA  
319 C C   . SER A 46 ? 1.6717 1.7239 1.3808 -0.0135 0.2049  0.2696  46 SER A C   
320 O O   . SER A 46 ? 1.6530 1.7016 1.3397 0.0155  0.2353  0.2842  46 SER A O   
321 C CB  . SER A 46 ? 1.6029 1.7897 1.4217 -0.0002 0.2267  0.3039  46 SER A CB  
322 O OG  . SER A 46 ? 1.4013 1.5419 1.1898 0.0351  0.2193  0.2648  46 SER A OG  
323 N N   . VAL A 47 ? 1.5512 1.5343 1.2197 -0.0233 0.1750  0.2338  47 VAL A N   
324 C CA  . VAL A 47 ? 1.6319 1.5317 1.2292 -0.0002 0.1737  0.2089  47 VAL A CA  
325 C C   . VAL A 47 ? 1.6098 1.4582 1.1772 -0.0364 0.1463  0.1965  47 VAL A C   
326 O O   . VAL A 47 ? 1.8213 1.6220 1.3402 -0.0355 0.1504  0.1983  47 VAL A O   
327 C CB  . VAL A 47 ? 1.5113 1.3683 1.0856 0.0405  0.1663  0.1701  47 VAL A CB  
328 C CG1 . VAL A 47 ? 1.6439 1.4069 1.1507 0.0521  0.1488  0.1369  47 VAL A CG1 
329 C CG2 . VAL A 47 ? 1.3203 1.2056 0.8992 0.0840  0.1986  0.1828  47 VAL A CG2 
330 N N   . LEU A 48 ? 1.5934 1.4487 1.1867 -0.0682 0.1187  0.1847  48 LEU A N   
331 C CA  . LEU A 48 ? 1.6025 1.4098 1.1689 -0.1038 0.0925  0.1735  48 LEU A CA  
332 C C   . LEU A 48 ? 1.6721 1.5236 1.2836 -0.1499 0.0745  0.1877  48 LEU A C   
333 O O   . LEU A 48 ? 1.7776 1.6634 1.4080 -0.1818 0.0783  0.2207  48 LEU A O   
334 C CB  . LEU A 48 ? 1.5897 1.3172 1.1132 -0.0872 0.0696  0.1268  48 LEU A CB  
335 C CG  . LEU A 48 ? 1.4581 1.1829 1.0050 -0.0904 0.0478  0.0984  48 LEU A CG  
336 C CD1 . LEU A 48 ? 1.2262 0.9184 0.7641 -0.1312 0.0196  0.0868  48 LEU A CD1 
337 C CD2 . LEU A 48 ? 1.4154 1.0885 0.9360 -0.0482 0.0443  0.0620  48 LEU A CD2 
# 
